data_4HYG
#
_entry.id   4HYG
#
_cell.length_a   168.302
_cell.length_b   201.892
_cell.length_c   117.534
_cell.angle_alpha   90.00
_cell.angle_beta   90.00
_cell.angle_gamma   90.00
#
_symmetry.space_group_name_H-M   'C 2 2 2'
#
_entity_poly.entity_id   1
_entity_poly.type   'polypeptide(L)'
_entity_poly.pdbx_seq_one_letter_code
;MQIRDWLPLLGMPLMLLFVQIIAIVLVMPMQAAGLVAFENPSSVANPLIFIGMLLAFTLVLLVLLRTGGRRFIAAFIGFA
LFMTFLYIFGALSLLALGPTTAAAAGTLIGAVAVTALLYLYPEWYVIDILGVLISAGVASIFGISLEPLPVLVLLVLLAV
YDAISVYRTKHMITLAEGVLETKAPIMVVVPKRADYSFRKEGLNISEGEERGAFVMGMGDLIMPSILVVSSHVFVDAPAV
LWTLSAPTLGAMVGSLVGLAVLLYFVNKGNPQAGLPPLNGGAILGFLVGAALAGSFSWLPF
;
_entity_poly.pdbx_strand_id   A,B,C,D
#
# COMPACT_ATOMS: atom_id res chain seq x y z
N ARG A 4 -11.60 -0.05 87.58
CA ARG A 4 -10.21 0.30 87.33
C ARG A 4 -10.03 0.89 85.93
N ASP A 5 -9.00 0.44 85.22
CA ASP A 5 -8.70 0.99 83.89
C ASP A 5 -9.59 0.40 82.79
N TRP A 6 -10.82 0.05 83.15
CA TRP A 6 -11.79 -0.51 82.22
C TRP A 6 -12.27 0.54 81.22
N LEU A 7 -13.25 1.35 81.63
CA LEU A 7 -13.82 2.41 80.79
C LEU A 7 -12.80 3.22 79.96
N PRO A 8 -11.64 3.59 80.55
CA PRO A 8 -10.68 4.19 79.62
C PRO A 8 -10.04 3.13 78.72
N LEU A 9 -9.78 3.52 77.48
CA LEU A 9 -9.12 2.68 76.47
C LEU A 9 -9.47 1.19 76.48
N LEU A 10 -10.74 0.86 76.66
CA LEU A 10 -11.24 -0.44 76.20
C LEU A 10 -12.03 -0.26 74.90
N GLY A 11 -12.38 0.99 74.61
CA GLY A 11 -13.18 1.31 73.44
C GLY A 11 -12.61 0.87 72.10
N MET A 12 -11.30 0.68 72.03
CA MET A 12 -10.67 0.30 70.78
C MET A 12 -10.73 -1.22 70.58
N PRO A 13 -10.49 -2.01 71.65
CA PRO A 13 -10.80 -3.43 71.49
C PRO A 13 -12.30 -3.65 71.32
N LEU A 14 -13.07 -2.77 71.95
CA LEU A 14 -14.51 -2.73 71.83
C LEU A 14 -14.82 -2.61 70.36
N MET A 15 -14.24 -1.60 69.74
CA MET A 15 -14.42 -1.34 68.33
C MET A 15 -13.99 -2.57 67.49
N LEU A 16 -12.95 -3.27 67.95
CA LEU A 16 -12.49 -4.47 67.24
C LEU A 16 -13.60 -5.54 67.27
N LEU A 17 -13.98 -5.99 68.47
CA LEU A 17 -15.07 -6.92 68.56
C LEU A 17 -16.26 -6.48 67.75
N PHE A 18 -16.72 -5.25 67.95
CA PHE A 18 -17.88 -4.78 67.22
C PHE A 18 -17.76 -4.91 65.73
N VAL A 19 -16.68 -4.38 65.18
CA VAL A 19 -16.47 -4.43 63.75
C VAL A 19 -16.52 -5.89 63.27
N GLN A 20 -15.90 -6.79 64.01
CA GLN A 20 -15.97 -8.19 63.66
C GLN A 20 -17.40 -8.70 63.62
N ILE A 21 -18.15 -8.36 64.66
CA ILE A 21 -19.54 -8.75 64.78
C ILE A 21 -20.34 -8.28 63.55
N ILE A 22 -20.28 -6.97 63.31
CA ILE A 22 -21.00 -6.36 62.20
C ILE A 22 -20.51 -6.87 60.82
N ALA A 23 -19.27 -7.34 60.76
CA ALA A 23 -18.75 -7.93 59.54
C ALA A 23 -19.42 -9.26 59.31
N ILE A 24 -19.68 -10.02 60.36
CA ILE A 24 -20.37 -11.31 60.15
C ILE A 24 -21.82 -11.11 59.69
N VAL A 25 -22.51 -10.36 60.53
CA VAL A 25 -23.90 -10.03 60.28
C VAL A 25 -24.05 -9.40 58.88
N LEU A 26 -23.04 -8.71 58.41
CA LEU A 26 -23.09 -8.27 57.02
C LEU A 26 -22.65 -9.33 56.03
N VAL A 27 -21.97 -10.40 56.48
CA VAL A 27 -21.56 -11.46 55.53
C VAL A 27 -22.84 -11.92 54.91
N MET A 28 -23.82 -12.06 55.78
CA MET A 28 -25.11 -12.54 55.29
C MET A 28 -25.75 -11.77 54.10
N PRO A 29 -26.23 -10.52 54.29
CA PRO A 29 -27.04 -9.87 53.26
C PRO A 29 -26.29 -9.52 51.99
N MET A 30 -24.97 -9.48 52.07
CA MET A 30 -24.22 -9.01 50.92
C MET A 30 -24.18 -9.99 49.76
N GLN A 31 -24.45 -11.25 50.03
CA GLN A 31 -24.48 -12.24 48.97
C GLN A 31 -25.85 -12.35 48.35
N ALA A 32 -26.87 -11.93 49.11
CA ALA A 32 -28.24 -11.83 48.59
C ALA A 32 -28.31 -10.87 47.41
N ALA A 33 -27.15 -10.28 47.09
CA ALA A 33 -26.93 -9.57 45.84
C ALA A 33 -25.46 -9.67 45.42
N GLY A 34 -24.80 -10.75 45.84
CA GLY A 34 -23.45 -11.06 45.35
C GLY A 34 -22.23 -10.33 45.91
N LEU A 35 -21.72 -9.34 45.15
CA LEU A 35 -20.61 -8.46 45.54
C LEU A 35 -19.19 -9.07 45.26
N VAL A 36 -18.24 -9.06 46.22
CA VAL A 36 -16.95 -9.79 46.12
C VAL A 36 -15.84 -9.07 45.26
N ALA A 37 -14.75 -9.80 44.93
CA ALA A 37 -13.55 -9.39 44.18
C ALA A 37 -12.44 -8.76 45.03
N PRO A 41 -12.61 -16.31 43.10
CA PRO A 41 -11.37 -17.03 42.80
C PRO A 41 -10.39 -16.98 43.97
N SER A 42 -10.35 -18.00 44.82
CA SER A 42 -9.38 -18.05 45.92
C SER A 42 -7.97 -18.31 45.41
N SER A 43 -7.47 -17.37 44.62
CA SER A 43 -6.11 -17.35 44.11
C SER A 43 -5.20 -16.55 45.01
N VAL A 44 -3.94 -16.94 45.04
CA VAL A 44 -2.93 -16.25 45.83
C VAL A 44 -2.49 -14.96 45.09
N ALA A 45 -2.94 -14.82 43.85
CA ALA A 45 -2.72 -13.61 43.07
C ALA A 45 -3.71 -12.52 43.48
N ASN A 46 -4.78 -12.94 44.14
CA ASN A 46 -5.79 -12.02 44.59
C ASN A 46 -5.21 -10.93 45.55
N PRO A 47 -4.38 -11.32 46.56
CA PRO A 47 -3.71 -10.29 47.37
C PRO A 47 -2.89 -9.26 46.56
N LEU A 48 -2.19 -9.73 45.55
CA LEU A 48 -1.40 -8.84 44.72
C LEU A 48 -2.30 -7.84 43.98
N ILE A 49 -3.37 -8.32 43.35
CA ILE A 49 -4.33 -7.39 42.76
C ILE A 49 -4.86 -6.38 43.80
N PHE A 50 -5.06 -6.88 45.01
CA PHE A 50 -5.57 -6.06 46.09
C PHE A 50 -4.59 -4.91 46.27
N ILE A 51 -3.36 -5.26 46.61
CA ILE A 51 -2.31 -4.30 46.90
C ILE A 51 -2.08 -3.25 45.80
N GLY A 52 -1.83 -3.70 44.57
CA GLY A 52 -1.70 -2.74 43.48
C GLY A 52 -2.89 -1.80 43.40
N MET A 53 -4.08 -2.37 43.50
CA MET A 53 -5.30 -1.55 43.45
C MET A 53 -5.38 -0.52 44.60
N LEU A 54 -4.87 -0.93 45.76
CA LEU A 54 -4.80 -0.08 46.93
C LEU A 54 -3.91 1.10 46.60
N LEU A 55 -2.80 0.81 45.93
CA LEU A 55 -1.88 1.86 45.48
C LEU A 55 -2.61 2.82 44.55
N ALA A 56 -3.52 2.29 43.75
CA ALA A 56 -4.32 3.13 42.86
C ALA A 56 -5.32 4.01 43.63
N PHE A 57 -5.89 3.43 44.68
CA PHE A 57 -6.84 4.12 45.53
C PHE A 57 -6.13 5.34 46.14
N THR A 58 -4.95 5.09 46.69
CA THR A 58 -4.21 6.19 47.25
C THR A 58 -3.80 7.19 46.16
N LEU A 59 -3.13 6.76 45.08
CA LEU A 59 -2.72 7.68 44.01
C LEU A 59 -3.84 8.63 43.59
N VAL A 60 -5.04 8.05 43.47
CA VAL A 60 -6.21 8.84 43.10
C VAL A 60 -6.49 9.86 44.17
N LEU A 61 -6.54 9.36 45.41
CA LEU A 61 -6.83 10.20 46.57
C LEU A 61 -5.84 11.37 46.72
N LEU A 62 -4.56 11.10 46.48
CA LEU A 62 -3.52 12.10 46.63
C LEU A 62 -3.58 13.09 45.52
N VAL A 63 -3.73 12.65 44.28
CA VAL A 63 -3.82 13.62 43.18
C VAL A 63 -5.06 14.50 43.40
N LEU A 64 -6.07 13.90 44.03
CA LEU A 64 -7.28 14.65 44.40
C LEU A 64 -6.99 15.69 45.45
N LEU A 65 -6.25 15.34 46.50
CA LEU A 65 -5.94 16.29 47.58
C LEU A 65 -5.02 17.41 47.11
N ARG A 66 -3.91 17.05 46.46
CA ARG A 66 -3.03 18.05 45.91
C ARG A 66 -3.75 18.89 44.83
N THR A 67 -4.85 18.36 44.27
CA THR A 67 -5.65 19.14 43.29
C THR A 67 -6.89 19.83 43.86
N GLY A 68 -7.11 19.71 45.16
CA GLY A 68 -8.23 20.37 45.80
C GLY A 68 -8.33 21.87 45.49
N GLY A 69 -9.56 22.37 45.51
CA GLY A 69 -10.70 21.55 45.87
C GLY A 69 -11.01 21.81 47.32
N ARG A 70 -11.29 23.06 47.70
CA ARG A 70 -11.45 23.43 49.12
C ARG A 70 -12.47 22.50 49.80
N ARG A 71 -13.63 22.36 49.18
CA ARG A 71 -14.60 21.36 49.62
C ARG A 71 -14.91 20.45 48.44
N PHE A 72 -14.25 20.65 47.30
CA PHE A 72 -14.35 19.68 46.22
C PHE A 72 -13.79 18.36 46.74
N ILE A 73 -12.77 18.44 47.58
CA ILE A 73 -12.12 17.24 48.08
C ILE A 73 -13.08 16.59 49.03
N ALA A 74 -13.68 17.45 49.83
CA ALA A 74 -14.70 17.07 50.81
C ALA A 74 -15.88 16.44 50.09
N ALA A 75 -16.21 16.98 48.92
CA ALA A 75 -17.33 16.50 48.15
C ALA A 75 -17.02 15.14 47.55
N PHE A 76 -16.03 15.03 46.68
CA PHE A 76 -15.59 13.74 46.14
C PHE A 76 -15.55 12.63 47.22
N ILE A 77 -14.97 12.92 48.38
CA ILE A 77 -15.03 11.89 49.43
C ILE A 77 -16.43 11.72 50.02
N GLY A 78 -17.19 12.82 50.08
CA GLY A 78 -18.53 12.79 50.63
C GLY A 78 -19.39 11.87 49.79
N PHE A 79 -19.20 11.96 48.48
CA PHE A 79 -19.86 11.14 47.50
C PHE A 79 -19.43 9.71 47.66
N ALA A 80 -18.11 9.47 47.68
CA ALA A 80 -17.62 8.10 47.93
C ALA A 80 -18.25 7.47 49.17
N LEU A 81 -18.35 8.26 50.22
CA LEU A 81 -18.96 7.83 51.46
C LEU A 81 -20.43 7.47 51.24
N PHE A 82 -21.15 8.39 50.61
CA PHE A 82 -22.58 8.26 50.38
C PHE A 82 -22.84 6.91 49.71
N MET A 83 -22.03 6.63 48.70
CA MET A 83 -22.16 5.41 47.95
C MET A 83 -21.85 4.20 48.83
N THR A 84 -20.72 4.20 49.55
CA THR A 84 -20.40 3.01 50.35
C THR A 84 -21.45 2.70 51.41
N PHE A 85 -22.10 3.75 51.89
CA PHE A 85 -23.19 3.57 52.81
C PHE A 85 -24.43 3.02 52.11
N LEU A 86 -24.61 3.42 50.85
CA LEU A 86 -25.67 2.84 50.03
C LEU A 86 -25.43 1.34 49.96
N TYR A 87 -24.20 0.93 49.70
CA TYR A 87 -23.95 -0.50 49.74
C TYR A 87 -24.23 -1.12 51.09
N ILE A 88 -23.87 -0.46 52.18
CA ILE A 88 -24.17 -1.03 53.50
C ILE A 88 -25.68 -1.27 53.73
N PHE A 89 -26.41 -0.17 53.62
CA PHE A 89 -27.85 -0.09 53.85
C PHE A 89 -28.61 -0.95 52.84
N GLY A 90 -28.40 -0.63 51.57
CA GLY A 90 -28.81 -1.48 50.47
C GLY A 90 -28.74 -2.92 50.86
N ALA A 91 -27.56 -3.43 51.25
CA ALA A 91 -27.46 -4.83 51.63
C ALA A 91 -28.42 -5.17 52.77
N LEU A 92 -28.51 -4.25 53.73
CA LEU A 92 -29.40 -4.48 54.87
C LEU A 92 -30.84 -4.70 54.46
N SER A 93 -31.50 -3.67 53.92
CA SER A 93 -32.91 -3.82 53.58
C SER A 93 -33.14 -4.87 52.51
N LEU A 94 -32.20 -4.98 51.57
CA LEU A 94 -32.39 -5.91 50.47
C LEU A 94 -32.37 -7.38 50.91
N LEU A 95 -31.65 -7.71 51.99
CA LEU A 95 -31.97 -9.01 52.58
C LEU A 95 -33.21 -8.91 53.48
N ALA A 96 -33.40 -7.75 54.09
CA ALA A 96 -34.50 -7.54 55.02
C ALA A 96 -35.84 -7.51 54.30
N LEU A 97 -36.37 -6.33 54.03
CA LEU A 97 -37.65 -6.25 53.33
C LEU A 97 -37.54 -6.84 51.91
N GLY A 98 -36.31 -7.13 51.48
CA GLY A 98 -36.06 -7.68 50.17
C GLY A 98 -36.40 -6.66 49.09
N PRO A 99 -36.37 -7.09 47.83
CA PRO A 99 -36.59 -6.29 46.61
C PRO A 99 -37.64 -5.16 46.66
N THR A 100 -38.27 -4.89 47.79
CA THR A 100 -39.34 -3.91 47.79
C THR A 100 -38.82 -2.48 47.59
N THR A 101 -39.68 -1.68 46.97
CA THR A 101 -39.42 -0.27 46.76
C THR A 101 -39.21 0.42 48.09
N ALA A 102 -39.96 -0.01 49.09
CA ALA A 102 -39.87 0.63 50.37
C ALA A 102 -38.56 0.25 51.05
N ALA A 103 -38.01 -0.91 50.67
CA ALA A 103 -36.72 -1.32 51.22
C ALA A 103 -35.63 -0.48 50.61
N ALA A 104 -35.57 -0.46 49.28
CA ALA A 104 -34.50 0.30 48.63
C ALA A 104 -34.56 1.79 49.03
N ALA A 105 -35.71 2.42 48.80
CA ALA A 105 -35.88 3.82 49.17
C ALA A 105 -35.52 4.02 50.67
N GLY A 106 -35.86 3.01 51.46
CA GLY A 106 -35.46 3.00 52.86
C GLY A 106 -33.96 3.16 53.02
N THR A 107 -33.19 2.43 52.20
CA THR A 107 -31.75 2.55 52.35
C THR A 107 -31.17 3.84 51.78
N LEU A 108 -31.73 4.35 50.69
CA LEU A 108 -31.22 5.63 50.18
C LEU A 108 -31.46 6.71 51.21
N ILE A 109 -32.69 6.83 51.70
CA ILE A 109 -32.97 7.82 52.74
C ILE A 109 -32.07 7.61 53.95
N GLY A 110 -31.85 6.35 54.32
CA GLY A 110 -30.97 6.02 55.43
C GLY A 110 -29.57 6.58 55.22
N ALA A 111 -28.98 6.30 54.07
CA ALA A 111 -27.62 6.74 53.79
C ALA A 111 -27.51 8.26 53.64
N VAL A 112 -28.53 8.89 53.09
CA VAL A 112 -28.53 10.33 52.98
C VAL A 112 -28.50 10.90 54.36
N ALA A 113 -29.34 10.34 55.21
CA ALA A 113 -29.46 10.80 56.58
C ALA A 113 -28.11 10.73 57.28
N VAL A 114 -27.52 9.54 57.22
CA VAL A 114 -26.27 9.26 57.90
C VAL A 114 -25.12 10.15 57.44
N THR A 115 -24.94 10.22 56.13
CA THR A 115 -23.83 10.97 55.58
C THR A 115 -23.98 12.47 55.84
N ALA A 116 -25.20 12.97 55.69
CA ALA A 116 -25.50 14.37 55.94
C ALA A 116 -25.14 14.70 57.40
N LEU A 117 -25.50 13.75 58.27
CA LEU A 117 -25.25 13.86 59.69
C LEU A 117 -23.76 14.03 59.92
N LEU A 118 -22.99 13.08 59.39
CA LEU A 118 -21.56 13.08 59.57
C LEU A 118 -20.95 14.40 59.07
N TYR A 119 -21.53 15.00 58.04
CA TYR A 119 -21.00 16.27 57.58
C TYR A 119 -21.43 17.44 58.42
N LEU A 120 -22.47 17.23 59.23
CA LEU A 120 -22.96 18.36 60.03
C LEU A 120 -22.35 18.51 61.45
N TYR A 121 -21.08 18.12 61.58
CA TYR A 121 -20.40 18.17 62.87
C TYR A 121 -21.24 17.42 63.87
N PRO A 122 -21.22 16.08 63.82
CA PRO A 122 -22.16 15.29 64.61
C PRO A 122 -21.94 15.31 66.12
N GLU A 123 -21.66 14.14 66.70
CA GLU A 123 -21.45 14.04 68.14
C GLU A 123 -20.07 13.43 68.40
N TRP A 124 -19.49 12.96 67.30
CA TRP A 124 -18.10 12.50 67.25
C TRP A 124 -17.67 11.45 68.30
N TYR A 125 -18.65 10.89 69.02
CA TYR A 125 -18.62 9.46 69.38
C TYR A 125 -19.24 8.74 68.15
N VAL A 126 -20.16 9.47 67.53
CA VAL A 126 -20.84 9.09 66.30
C VAL A 126 -19.78 8.70 65.28
N ILE A 127 -18.74 9.51 65.18
CA ILE A 127 -17.66 9.23 64.25
C ILE A 127 -17.12 7.84 64.48
N ASP A 128 -16.85 7.50 65.73
CA ASP A 128 -16.29 6.20 66.03
C ASP A 128 -17.26 5.17 65.55
N ILE A 129 -18.54 5.39 65.83
CA ILE A 129 -19.61 4.47 65.44
C ILE A 129 -19.70 4.19 63.91
N LEU A 130 -19.72 5.26 63.11
CA LEU A 130 -19.76 5.17 61.66
C LEU A 130 -18.48 4.56 61.14
N GLY A 131 -17.36 4.95 61.74
CA GLY A 131 -16.06 4.39 61.41
C GLY A 131 -16.17 2.90 61.59
N VAL A 132 -16.85 2.48 62.65
CA VAL A 132 -17.05 1.07 62.94
C VAL A 132 -17.91 0.43 61.86
N LEU A 133 -18.96 1.16 61.43
CA LEU A 133 -19.86 0.65 60.39
C LEU A 133 -19.11 0.38 59.09
N ILE A 134 -18.60 1.46 58.52
CA ILE A 134 -17.76 1.42 57.34
C ILE A 134 -16.77 0.28 57.40
N SER A 135 -16.01 0.25 58.47
CA SER A 135 -14.93 -0.72 58.62
C SER A 135 -15.48 -2.13 58.52
N ALA A 136 -16.54 -2.38 59.27
CA ALA A 136 -17.19 -3.67 59.22
C ALA A 136 -17.65 -3.97 57.78
N GLY A 137 -18.14 -2.95 57.10
CA GLY A 137 -18.61 -3.12 55.74
C GLY A 137 -17.51 -3.70 54.89
N VAL A 138 -16.40 -2.99 54.82
CA VAL A 138 -15.27 -3.41 54.00
C VAL A 138 -14.79 -4.82 54.38
N ALA A 139 -14.70 -5.03 55.69
CA ALA A 139 -14.23 -6.29 56.25
C ALA A 139 -15.07 -7.43 55.67
N SER A 140 -16.38 -7.23 55.74
CA SER A 140 -17.31 -8.19 55.21
C SER A 140 -17.02 -8.37 53.72
N ILE A 141 -16.92 -7.30 52.95
CA ILE A 141 -16.73 -7.51 51.51
C ILE A 141 -15.53 -8.38 51.17
N PHE A 142 -14.33 -8.01 51.61
CA PHE A 142 -13.17 -8.79 51.15
C PHE A 142 -13.16 -10.17 51.77
N GLY A 143 -13.66 -10.25 53.00
CA GLY A 143 -13.76 -11.53 53.65
C GLY A 143 -14.71 -12.48 52.93
N ILE A 144 -15.79 -11.93 52.38
CA ILE A 144 -16.72 -12.74 51.58
C ILE A 144 -15.98 -13.09 50.32
N SER A 145 -15.25 -12.09 49.82
CA SER A 145 -14.35 -12.36 48.73
C SER A 145 -13.25 -13.24 49.26
N LEU A 146 -12.31 -13.57 48.42
CA LEU A 146 -11.83 -14.95 48.50
C LEU A 146 -11.06 -15.39 49.77
N GLU A 147 -10.63 -16.64 49.72
CA GLU A 147 -10.55 -17.50 50.88
C GLU A 147 -9.30 -17.26 51.75
N PRO A 148 -9.26 -17.93 52.91
CA PRO A 148 -8.14 -17.76 53.85
C PRO A 148 -6.76 -17.77 53.23
N LEU A 149 -6.11 -18.91 52.92
CA LEU A 149 -4.71 -18.86 52.46
C LEU A 149 -4.33 -17.61 51.66
N PRO A 150 -5.18 -17.21 50.69
CA PRO A 150 -4.95 -15.85 50.15
C PRO A 150 -5.05 -14.71 51.19
N VAL A 151 -6.09 -14.67 52.04
CA VAL A 151 -6.12 -13.61 53.06
C VAL A 151 -4.87 -13.70 53.92
N LEU A 152 -4.51 -14.91 54.34
CA LEU A 152 -3.31 -15.13 55.12
C LEU A 152 -2.05 -14.54 54.47
N VAL A 153 -1.87 -14.79 53.17
CA VAL A 153 -0.71 -14.20 52.52
C VAL A 153 -0.79 -12.68 52.58
N LEU A 154 -1.96 -12.15 52.26
CA LEU A 154 -2.16 -10.72 52.21
C LEU A 154 -1.77 -10.11 53.54
N LEU A 155 -2.32 -10.68 54.60
CA LEU A 155 -2.05 -10.21 55.94
C LEU A 155 -0.57 -10.20 56.22
N VAL A 156 0.11 -11.33 56.00
CA VAL A 156 1.52 -11.34 56.34
C VAL A 156 2.34 -10.31 55.53
N LEU A 157 2.00 -10.17 54.25
CA LEU A 157 2.63 -9.16 53.39
C LEU A 157 2.49 -7.75 53.96
N LEU A 158 1.24 -7.37 54.18
CA LEU A 158 0.95 -6.01 54.60
C LEU A 158 1.69 -5.78 55.89
N ALA A 159 1.66 -6.77 56.78
CA ALA A 159 2.35 -6.68 58.06
C ALA A 159 3.85 -6.38 57.86
N VAL A 160 4.46 -7.08 56.91
CA VAL A 160 5.88 -6.86 56.65
C VAL A 160 6.15 -5.43 56.19
N TYR A 161 5.32 -4.94 55.26
CA TYR A 161 5.43 -3.55 54.81
C TYR A 161 5.41 -2.64 56.00
N ASP A 162 4.45 -2.85 56.89
CA ASP A 162 4.31 -1.99 58.04
C ASP A 162 5.58 -1.92 58.84
N ALA A 163 6.03 -3.05 59.38
CA ALA A 163 7.24 -3.03 60.22
C ALA A 163 8.43 -2.39 59.48
N ILE A 164 8.51 -2.60 58.18
CA ILE A 164 9.55 -1.87 57.47
C ILE A 164 9.31 -0.38 57.64
N SER A 165 8.06 0.06 57.47
CA SER A 165 7.74 1.49 57.47
C SER A 165 8.03 2.17 58.80
N VAL A 166 7.60 1.53 59.88
CA VAL A 166 7.84 2.09 61.19
C VAL A 166 9.33 2.15 61.41
N TYR A 167 10.01 1.02 61.21
CA TYR A 167 11.43 0.97 61.50
C TYR A 167 12.23 2.00 60.73
N ARG A 168 11.89 2.18 59.45
CA ARG A 168 12.55 3.19 58.63
C ARG A 168 12.42 4.54 59.28
N THR A 169 11.18 4.93 59.56
CA THR A 169 11.03 6.30 60.07
C THR A 169 11.52 6.48 61.51
N LYS A 170 11.54 5.40 62.26
CA LYS A 170 12.00 5.41 63.63
C LYS A 170 13.51 5.56 63.60
N HIS A 171 14.16 4.73 62.80
CA HIS A 171 15.58 4.87 62.55
C HIS A 171 15.92 6.26 62.03
N MET A 172 14.96 6.89 61.37
CA MET A 172 15.16 8.22 60.80
C MET A 172 14.99 9.29 61.88
N ILE A 173 14.34 8.88 62.96
CA ILE A 173 14.31 9.74 64.12
C ILE A 173 15.71 9.62 64.72
N THR A 174 16.12 8.38 65.00
CA THR A 174 17.39 8.13 65.70
C THR A 174 18.62 8.58 64.93
N LEU A 175 18.42 8.97 63.68
CA LEU A 175 19.50 9.51 62.86
C LEU A 175 19.61 11.01 62.93
N ALA A 176 18.47 11.69 62.80
CA ALA A 176 18.42 13.15 62.66
C ALA A 176 18.74 13.96 63.91
N GLU A 177 19.56 13.39 64.78
CA GLU A 177 20.11 14.14 65.89
C GLU A 177 21.61 14.11 65.73
N GLY A 178 22.19 12.93 65.50
CA GLY A 178 23.63 12.90 65.39
C GLY A 178 24.30 11.59 65.04
N VAL A 179 23.56 10.50 65.10
CA VAL A 179 24.11 9.22 64.69
C VAL A 179 24.16 9.09 63.17
N GLY A 212 -7.34 12.72 60.15
CA GLY A 212 -6.84 11.81 59.14
C GLY A 212 -6.18 10.52 59.64
N ALA A 213 -5.78 10.52 60.91
CA ALA A 213 -5.17 9.35 61.53
C ALA A 213 -6.18 8.19 61.57
N PHE A 214 -7.44 8.57 61.63
CA PHE A 214 -8.48 7.58 61.78
C PHE A 214 -8.46 6.64 60.61
N VAL A 215 -8.24 7.14 59.40
CA VAL A 215 -8.12 6.26 58.24
C VAL A 215 -7.18 5.07 58.44
N MET A 216 -5.95 5.35 58.84
CA MET A 216 -4.98 4.27 59.06
C MET A 216 -5.45 3.41 60.23
N GLY A 217 -6.02 4.08 61.23
CA GLY A 217 -6.49 3.35 62.39
C GLY A 217 -7.63 2.37 62.11
N MET A 218 -8.83 2.90 61.94
CA MET A 218 -9.99 2.10 61.61
C MET A 218 -9.67 1.16 60.45
N GLY A 219 -8.86 1.61 59.49
CA GLY A 219 -8.41 0.72 58.45
C GLY A 219 -7.72 -0.52 59.01
N ASP A 220 -6.92 -0.31 60.05
CA ASP A 220 -6.24 -1.48 60.59
C ASP A 220 -7.15 -2.23 61.54
N LEU A 221 -8.20 -1.55 62.00
CA LEU A 221 -9.30 -2.17 62.71
C LEU A 221 -9.86 -3.27 61.79
N ILE A 222 -9.97 -2.91 60.52
CA ILE A 222 -10.43 -3.82 59.48
C ILE A 222 -9.49 -5.00 59.25
N MET A 223 -8.20 -4.70 59.11
CA MET A 223 -7.25 -5.71 58.57
C MET A 223 -7.38 -7.16 59.11
N PRO A 224 -7.26 -7.35 60.43
CA PRO A 224 -7.28 -8.74 60.88
C PRO A 224 -8.69 -9.37 60.78
N SER A 225 -9.72 -8.54 60.82
CA SER A 225 -11.09 -9.01 60.71
C SER A 225 -11.43 -9.64 59.35
N ILE A 226 -10.81 -9.18 58.27
CA ILE A 226 -11.12 -9.78 56.96
C ILE A 226 -10.82 -11.27 56.94
N LEU A 227 -9.82 -11.70 57.71
CA LEU A 227 -9.53 -13.12 57.84
C LEU A 227 -10.58 -13.77 58.71
N VAL A 228 -11.23 -12.95 59.52
CA VAL A 228 -12.24 -13.51 60.39
C VAL A 228 -13.47 -13.83 59.52
N VAL A 229 -13.82 -12.93 58.61
CA VAL A 229 -14.89 -13.25 57.68
C VAL A 229 -14.50 -14.44 56.81
N SER A 230 -13.50 -14.25 55.94
CA SER A 230 -13.03 -15.32 55.05
C SER A 230 -12.46 -16.48 55.88
N SER A 231 -13.36 -17.15 56.58
CA SER A 231 -13.05 -18.26 57.46
C SER A 231 -14.38 -18.82 57.98
N HIS A 232 -15.24 -17.90 58.39
CA HIS A 232 -16.63 -18.22 58.57
C HIS A 232 -17.28 -18.28 57.17
N VAL A 233 -16.74 -17.51 56.21
CA VAL A 233 -17.14 -17.69 54.81
C VAL A 233 -16.62 -18.98 54.19
N PHE A 234 -15.38 -19.37 54.48
CA PHE A 234 -14.95 -20.67 54.02
C PHE A 234 -15.70 -21.70 54.86
N LEU A 244 -21.72 -19.16 68.76
CA LEU A 244 -22.51 -19.06 67.53
C LEU A 244 -21.70 -19.25 66.24
N SER A 245 -20.42 -18.89 66.33
CA SER A 245 -19.51 -18.89 65.21
C SER A 245 -18.68 -20.16 65.18
N ALA A 246 -17.55 -20.15 64.47
CA ALA A 246 -16.76 -21.36 64.24
C ALA A 246 -15.73 -21.63 65.39
N PRO A 247 -14.60 -22.34 65.10
CA PRO A 247 -13.35 -22.05 65.82
C PRO A 247 -12.60 -20.93 65.14
N THR A 248 -13.30 -19.85 64.84
CA THR A 248 -12.64 -18.70 64.27
C THR A 248 -12.99 -17.56 65.18
N LEU A 249 -13.76 -17.94 66.20
CA LEU A 249 -13.76 -17.12 67.38
C LEU A 249 -12.27 -16.95 67.65
N GLY A 250 -11.53 -18.06 67.60
CA GLY A 250 -10.10 -18.07 67.85
C GLY A 250 -9.37 -16.92 67.17
N ALA A 251 -9.60 -16.74 65.88
CA ALA A 251 -9.05 -15.59 65.17
C ALA A 251 -9.54 -14.30 65.81
N MET A 252 -10.82 -14.25 66.22
CA MET A 252 -11.29 -13.01 66.83
C MET A 252 -10.61 -12.66 68.16
N VAL A 253 -10.48 -13.65 69.04
CA VAL A 253 -9.79 -13.40 70.29
C VAL A 253 -8.31 -13.13 70.08
N GLY A 254 -7.65 -13.90 69.23
CA GLY A 254 -6.24 -13.69 68.98
C GLY A 254 -5.98 -12.29 68.44
N SER A 255 -6.92 -11.79 67.64
CA SER A 255 -6.83 -10.45 67.12
C SER A 255 -7.03 -9.46 68.26
N LEU A 256 -7.90 -9.80 69.19
CA LEU A 256 -8.08 -8.89 70.30
C LEU A 256 -6.81 -8.87 71.15
N VAL A 257 -6.16 -10.01 71.26
CA VAL A 257 -4.95 -10.12 72.07
C VAL A 257 -3.78 -9.40 71.41
N GLY A 258 -3.76 -9.41 70.08
CA GLY A 258 -2.77 -8.66 69.32
C GLY A 258 -2.96 -7.20 69.69
N LEU A 259 -4.22 -6.76 69.65
CA LEU A 259 -4.53 -5.38 70.00
C LEU A 259 -4.06 -5.11 71.43
N ALA A 260 -4.13 -6.13 72.30
CA ALA A 260 -3.65 -5.95 73.67
C ALA A 260 -2.17 -5.64 73.68
N VAL A 261 -1.36 -6.46 73.02
CA VAL A 261 0.07 -6.16 72.94
C VAL A 261 0.33 -4.76 72.38
N LEU A 262 -0.48 -4.39 71.39
CA LEU A 262 -0.35 -3.11 70.73
C LEU A 262 -0.64 -1.94 71.68
N LEU A 263 -1.81 -1.89 72.30
CA LEU A 263 -2.14 -0.75 73.15
C LEU A 263 -1.29 -0.80 74.41
N TYR A 264 -0.66 -1.96 74.63
CA TYR A 264 0.26 -2.07 75.75
C TYR A 264 1.54 -1.30 75.45
N PHE A 265 2.20 -1.66 74.36
CA PHE A 265 3.46 -0.98 74.02
C PHE A 265 3.22 0.50 73.73
N VAL A 266 2.07 0.81 73.12
CA VAL A 266 1.72 2.20 72.88
C VAL A 266 1.51 2.95 74.19
N ASN A 267 0.92 2.30 75.18
CA ASN A 267 0.87 2.92 76.50
C ASN A 267 2.15 2.72 77.30
N LYS A 268 3.20 2.30 76.59
CA LYS A 268 4.56 2.30 77.12
C LYS A 268 5.37 3.27 76.29
N GLY A 269 6.51 3.71 76.82
CA GLY A 269 7.40 4.60 76.09
C GLY A 269 8.15 3.86 75.00
N ASN A 270 8.26 4.49 73.82
CA ASN A 270 9.02 3.99 72.67
C ASN A 270 8.29 2.92 71.83
N PRO A 271 7.40 3.41 70.95
CA PRO A 271 6.36 2.66 70.25
C PRO A 271 6.90 1.56 69.32
N GLN A 272 5.99 0.78 68.75
CA GLN A 272 6.30 -0.34 67.87
C GLN A 272 5.26 -0.36 66.78
N ALA A 273 5.16 -1.46 66.03
CA ALA A 273 4.81 -1.35 64.61
C ALA A 273 3.30 -1.32 64.32
N GLY A 274 2.51 -2.16 64.98
CA GLY A 274 1.09 -2.18 64.68
C GLY A 274 0.43 -3.44 64.07
N LEU A 275 0.46 -3.48 62.74
CA LEU A 275 -0.05 -4.66 62.05
C LEU A 275 0.47 -5.98 62.62
N PRO A 276 1.81 -6.17 62.74
CA PRO A 276 2.24 -7.50 63.23
C PRO A 276 1.67 -7.97 64.57
N PRO A 277 1.40 -7.03 65.49
CA PRO A 277 0.62 -7.50 66.64
C PRO A 277 -0.80 -7.88 66.25
N LEU A 278 -1.48 -7.02 65.50
CA LEU A 278 -2.88 -7.36 65.21
C LEU A 278 -3.10 -8.56 64.27
N ASN A 279 -2.51 -8.50 63.10
CA ASN A 279 -2.53 -9.60 62.19
C ASN A 279 -1.83 -10.81 62.78
N GLY A 280 -0.58 -10.68 63.21
CA GLY A 280 0.13 -11.82 63.75
C GLY A 280 -0.65 -12.50 64.87
N GLY A 281 -1.46 -11.73 65.59
CA GLY A 281 -2.24 -12.28 66.69
C GLY A 281 -3.54 -12.91 66.23
N ALA A 282 -4.16 -12.31 65.21
CA ALA A 282 -5.35 -12.88 64.61
C ALA A 282 -5.05 -14.21 63.90
N ILE A 283 -3.98 -14.23 63.12
CA ILE A 283 -3.44 -15.45 62.55
C ILE A 283 -3.07 -16.45 63.63
N LEU A 284 -2.46 -15.98 64.71
CA LEU A 284 -2.17 -16.89 65.82
C LEU A 284 -3.45 -17.57 66.34
N GLY A 285 -4.51 -16.79 66.56
CA GLY A 285 -5.73 -17.33 67.13
C GLY A 285 -6.45 -18.26 66.18
N PHE A 286 -6.45 -17.84 64.93
CA PHE A 286 -7.00 -18.60 63.82
C PHE A 286 -6.34 -19.97 63.67
N LEU A 287 -5.01 -19.99 63.65
CA LEU A 287 -4.29 -21.25 63.59
C LEU A 287 -4.44 -22.06 64.87
N VAL A 288 -4.75 -21.39 65.97
CA VAL A 288 -5.08 -22.10 67.19
C VAL A 288 -6.46 -22.77 67.04
N GLY A 289 -7.34 -22.15 66.26
CA GLY A 289 -8.69 -22.66 65.99
C GLY A 289 -8.73 -23.71 64.90
N ALA A 290 -7.53 -24.17 64.52
CA ALA A 290 -7.36 -25.30 63.63
C ALA A 290 -6.93 -26.46 64.52
N ALA A 291 -6.00 -26.16 65.43
CA ALA A 291 -5.60 -27.15 66.41
C ALA A 291 -6.79 -27.50 67.33
N LEU A 292 -7.95 -26.89 67.06
CA LEU A 292 -9.17 -27.20 67.80
C LEU A 292 -10.14 -28.14 67.05
N ALA A 293 -10.25 -27.99 65.73
CA ALA A 293 -11.18 -28.81 64.95
C ALA A 293 -10.80 -28.79 63.48
N LEU B 7 40.92 -3.25 43.64
CA LEU B 7 40.19 -4.51 43.62
C LEU B 7 38.81 -4.45 42.95
N PRO B 8 38.03 -3.37 43.17
CA PRO B 8 36.76 -3.34 42.40
C PRO B 8 37.01 -3.17 40.90
N LEU B 9 38.25 -2.80 40.56
CA LEU B 9 38.76 -2.82 39.20
C LEU B 9 38.44 -4.12 38.43
N LEU B 10 38.29 -5.22 39.17
CA LEU B 10 37.77 -6.48 38.62
C LEU B 10 36.29 -6.57 38.93
N GLY B 11 35.92 -5.91 40.01
CA GLY B 11 34.57 -5.93 40.53
C GLY B 11 33.52 -5.62 39.49
N MET B 12 33.62 -4.51 38.78
CA MET B 12 32.52 -4.18 37.87
C MET B 12 32.42 -5.14 36.66
N PRO B 13 33.56 -5.62 36.14
CA PRO B 13 33.42 -6.71 35.16
C PRO B 13 32.81 -8.00 35.70
N LEU B 14 33.16 -8.32 36.94
CA LEU B 14 32.59 -9.46 37.65
C LEU B 14 31.07 -9.29 37.66
N MET B 15 30.62 -8.10 38.01
CA MET B 15 29.20 -7.81 38.09
C MET B 15 28.50 -8.13 36.80
N LEU B 16 29.15 -7.77 35.70
CA LEU B 16 28.63 -8.05 34.36
C LEU B 16 28.61 -9.55 34.11
N LEU B 17 29.81 -10.14 34.16
CA LEU B 17 30.01 -11.57 33.94
C LEU B 17 28.96 -12.39 34.68
N PHE B 18 28.78 -12.08 35.96
CA PHE B 18 27.73 -12.73 36.71
C PHE B 18 26.34 -12.53 36.13
N VAL B 19 25.97 -11.28 35.84
CA VAL B 19 24.63 -11.02 35.31
C VAL B 19 24.38 -11.83 34.06
N GLN B 20 25.38 -11.90 33.19
CA GLN B 20 25.31 -12.70 31.96
C GLN B 20 25.06 -14.18 32.25
N ILE B 21 25.86 -14.73 33.15
CA ILE B 21 25.70 -16.11 33.58
C ILE B 21 24.29 -16.32 34.10
N ILE B 22 23.92 -15.55 35.11
CA ILE B 22 22.61 -15.67 35.71
C ILE B 22 21.51 -15.35 34.71
N ALA B 23 21.82 -14.58 33.67
CA ALA B 23 20.82 -14.28 32.66
C ALA B 23 20.50 -15.49 31.81
N ILE B 24 21.52 -16.30 31.56
CA ILE B 24 21.37 -17.55 30.78
C ILE B 24 20.67 -18.66 31.54
N VAL B 25 21.10 -18.89 32.77
CA VAL B 25 20.53 -19.90 33.64
C VAL B 25 19.03 -19.78 33.75
N LEU B 26 18.55 -18.54 33.71
CA LEU B 26 17.14 -18.30 33.86
C LEU B 26 16.38 -18.58 32.59
N VAL B 27 17.06 -18.60 31.44
CA VAL B 27 16.40 -18.73 30.15
C VAL B 27 15.48 -19.95 30.03
N MET B 28 16.01 -21.11 30.44
CA MET B 28 15.21 -22.33 30.40
C MET B 28 13.92 -22.18 31.21
N PRO B 29 14.02 -21.97 32.53
CA PRO B 29 12.74 -21.85 33.26
C PRO B 29 11.96 -20.62 32.83
N MET B 30 12.64 -19.68 32.18
CA MET B 30 12.04 -18.42 31.81
C MET B 30 11.05 -18.65 30.70
N GLN B 31 11.35 -19.64 29.87
CA GLN B 31 10.41 -19.92 28.79
C GLN B 31 9.36 -20.96 29.24
N ALA B 32 9.34 -21.27 30.54
CA ALA B 32 8.23 -22.03 31.11
C ALA B 32 6.97 -21.16 31.11
N ALA B 33 7.15 -19.88 30.79
CA ALA B 33 6.06 -18.99 30.40
C ALA B 33 6.66 -17.85 29.56
N GLY B 34 7.35 -16.93 30.24
CA GLY B 34 8.14 -15.86 29.62
C GLY B 34 7.31 -14.81 28.91
N LEU B 35 7.44 -14.77 27.58
CA LEU B 35 6.47 -14.11 26.69
C LEU B 35 6.35 -12.58 26.74
N VAL B 36 7.31 -11.89 26.13
CA VAL B 36 7.19 -10.43 25.95
C VAL B 36 7.67 -10.15 24.51
N ALA B 37 7.83 -8.88 24.15
CA ALA B 37 8.27 -8.51 22.81
C ALA B 37 8.60 -7.01 22.70
N PRO B 41 7.92 -12.18 17.74
CA PRO B 41 8.60 -12.60 16.51
C PRO B 41 9.84 -11.75 16.46
N SER B 42 10.90 -12.20 15.79
CA SER B 42 12.04 -11.36 15.46
C SER B 42 11.58 -9.91 15.38
N SER B 43 11.09 -9.50 14.20
CA SER B 43 10.47 -8.18 13.97
C SER B 43 11.17 -6.97 14.62
N VAL B 44 11.76 -6.09 13.81
CA VAL B 44 12.56 -5.00 14.36
C VAL B 44 11.67 -3.84 14.91
N ALA B 45 10.40 -3.98 14.61
CA ALA B 45 9.46 -3.02 15.16
C ALA B 45 9.45 -3.31 16.66
N ASN B 46 9.92 -4.50 17.03
CA ASN B 46 10.03 -4.90 18.42
C ASN B 46 10.94 -3.93 19.18
N PRO B 47 12.18 -3.65 18.67
CA PRO B 47 12.95 -2.56 19.28
C PRO B 47 12.23 -1.24 19.29
N LEU B 48 11.56 -0.86 18.21
CA LEU B 48 10.85 0.43 18.37
C LEU B 48 9.74 0.48 19.48
N ILE B 49 8.90 -0.54 19.47
CA ILE B 49 7.83 -0.73 20.44
C ILE B 49 8.44 -0.66 21.83
N PHE B 50 9.64 -1.23 21.91
CA PHE B 50 10.46 -1.28 23.10
C PHE B 50 10.84 0.12 23.60
N ILE B 51 11.44 0.90 22.72
CA ILE B 51 11.79 2.27 23.04
C ILE B 51 10.60 3.03 23.52
N GLY B 52 9.60 3.20 22.66
CA GLY B 52 8.36 3.90 23.03
C GLY B 52 7.81 3.39 24.34
N MET B 53 7.97 2.10 24.57
CA MET B 53 7.54 1.54 25.83
C MET B 53 8.31 2.15 27.00
N LEU B 54 9.63 2.26 26.84
CA LEU B 54 10.48 2.84 27.87
C LEU B 54 10.17 4.31 28.11
N LEU B 55 10.09 5.08 27.03
CA LEU B 55 9.80 6.50 27.11
C LEU B 55 8.47 6.80 27.75
N ALA B 56 7.42 6.08 27.32
CA ALA B 56 6.12 6.30 27.88
C ALA B 56 6.07 5.82 29.34
N PHE B 57 6.82 4.76 29.61
CA PHE B 57 6.91 4.16 30.94
C PHE B 57 7.46 5.14 31.93
N THR B 58 8.59 5.73 31.54
CA THR B 58 9.29 6.70 32.34
C THR B 58 8.46 7.96 32.54
N LEU B 59 8.00 8.55 31.43
CA LEU B 59 7.13 9.73 31.47
C LEU B 59 6.00 9.52 32.49
N VAL B 60 5.37 8.35 32.44
CA VAL B 60 4.33 8.05 33.41
C VAL B 60 4.92 7.96 34.84
N LEU B 61 6.02 7.24 34.95
CA LEU B 61 6.68 6.97 36.22
C LEU B 61 7.07 8.25 36.96
N LEU B 62 7.50 9.24 36.21
CA LEU B 62 7.90 10.53 36.75
C LEU B 62 6.64 11.28 37.12
N VAL B 63 5.62 11.30 36.26
CA VAL B 63 4.41 12.03 36.65
C VAL B 63 3.84 11.41 37.93
N LEU B 64 4.21 10.17 38.17
CA LEU B 64 3.89 9.55 39.45
C LEU B 64 4.69 10.20 40.59
N LEU B 65 5.91 10.65 40.28
CA LEU B 65 6.74 11.40 41.24
C LEU B 65 6.22 12.84 41.46
N ARG B 66 5.99 13.55 40.34
CA ARG B 66 5.44 14.90 40.34
C ARG B 66 4.03 14.97 40.91
N THR B 67 3.33 13.84 40.90
CA THR B 67 2.04 13.70 41.57
C THR B 67 2.19 13.00 42.92
N GLY B 68 3.35 12.38 43.11
CA GLY B 68 3.68 11.74 44.37
C GLY B 68 4.53 12.66 45.22
N GLY B 69 5.59 12.11 45.80
CA GLY B 69 5.86 10.70 45.71
C GLY B 69 6.60 10.24 46.94
N ARG B 70 6.10 10.66 48.10
CA ARG B 70 6.67 10.32 49.39
C ARG B 70 6.56 8.82 49.66
N ARG B 71 5.74 8.50 50.65
CA ARG B 71 5.42 7.12 50.99
C ARG B 71 4.81 6.42 49.78
N PHE B 72 4.20 7.19 48.86
CA PHE B 72 3.68 6.61 47.63
C PHE B 72 4.78 5.97 46.84
N ILE B 73 5.39 6.72 45.94
CA ILE B 73 6.35 6.12 45.01
C ILE B 73 7.45 5.35 45.77
N ALA B 74 7.64 5.65 47.05
CA ALA B 74 8.53 4.82 47.86
C ALA B 74 7.99 3.39 47.86
N ALA B 75 6.73 3.26 48.25
CA ALA B 75 6.10 1.97 48.34
C ALA B 75 5.93 1.41 46.93
N PHE B 76 5.27 2.16 46.06
CA PHE B 76 5.08 1.78 44.65
C PHE B 76 6.34 1.12 44.06
N ILE B 77 7.49 1.72 44.24
CA ILE B 77 8.67 1.04 43.73
C ILE B 77 8.85 -0.25 44.52
N GLY B 78 8.62 -0.22 45.83
CA GLY B 78 8.86 -1.41 46.61
C GLY B 78 8.03 -2.56 46.08
N PHE B 79 6.79 -2.25 45.68
CA PHE B 79 5.89 -3.24 45.13
C PHE B 79 6.35 -3.79 43.83
N ALA B 80 6.60 -2.90 42.86
CA ALA B 80 7.13 -3.33 41.58
C ALA B 80 8.35 -4.23 41.75
N LEU B 81 9.19 -3.83 42.68
CA LEU B 81 10.40 -4.56 43.01
C LEU B 81 10.05 -5.96 43.50
N PHE B 82 9.10 -6.01 44.42
CA PHE B 82 8.64 -7.28 44.96
C PHE B 82 8.11 -8.22 43.90
N MET B 83 7.35 -7.68 42.94
CA MET B 83 6.79 -8.49 41.88
C MET B 83 7.90 -9.05 41.05
N THR B 84 8.79 -8.18 40.61
CA THR B 84 9.88 -8.61 39.75
C THR B 84 10.74 -9.68 40.44
N PHE B 85 10.83 -9.56 41.74
CA PHE B 85 11.51 -10.59 42.51
C PHE B 85 10.69 -11.88 42.62
N LEU B 86 9.37 -11.74 42.62
CA LEU B 86 8.52 -12.91 42.54
C LEU B 86 8.82 -13.66 41.29
N TYR B 87 8.81 -12.99 40.15
CA TYR B 87 9.07 -13.72 38.92
C TYR B 87 10.44 -14.35 38.97
N ILE B 88 11.43 -13.62 39.46
CA ILE B 88 12.76 -14.21 39.53
C ILE B 88 12.78 -15.45 40.41
N PHE B 89 12.47 -15.28 41.69
CA PHE B 89 12.48 -16.41 42.61
C PHE B 89 11.49 -17.49 42.19
N GLY B 90 10.21 -17.17 42.34
CA GLY B 90 9.11 -18.00 41.89
C GLY B 90 9.28 -18.73 40.60
N ALA B 91 9.08 -18.01 39.50
CA ALA B 91 9.07 -18.69 38.22
C ALA B 91 10.42 -19.33 37.89
N LEU B 92 11.50 -18.64 38.19
CA LEU B 92 12.77 -19.18 37.76
C LEU B 92 13.35 -20.31 38.61
N SER B 93 12.89 -20.45 39.84
CA SER B 93 13.47 -21.48 40.70
C SER B 93 12.48 -22.60 40.98
N LEU B 94 11.21 -22.23 41.14
CA LEU B 94 10.17 -23.21 41.44
C LEU B 94 9.84 -24.09 40.24
N LEU B 95 9.91 -23.52 39.05
CA LEU B 95 9.73 -24.31 37.85
C LEU B 95 11.03 -25.09 37.63
N ALA B 96 12.14 -24.49 38.09
CA ALA B 96 13.45 -25.15 38.05
C ALA B 96 13.60 -26.20 39.14
N LEU B 97 12.52 -26.49 39.87
CA LEU B 97 12.64 -27.49 40.94
C LEU B 97 12.24 -28.91 40.51
N GLY B 98 11.14 -29.13 39.78
CA GLY B 98 9.94 -28.30 39.81
C GLY B 98 8.83 -29.04 39.07
N PRO B 99 7.67 -28.40 38.89
CA PRO B 99 7.33 -27.14 39.55
C PRO B 99 6.81 -27.29 40.98
N THR B 100 5.49 -27.37 41.05
CA THR B 100 4.70 -26.65 42.04
C THR B 100 4.65 -27.06 43.52
N THR B 101 3.74 -26.39 44.24
CA THR B 101 3.39 -26.58 45.66
C THR B 101 4.30 -25.82 46.63
N ALA B 102 4.86 -26.60 47.55
CA ALA B 102 5.72 -26.06 48.60
C ALA B 102 6.90 -25.33 47.98
N ALA B 103 7.21 -25.61 46.72
CA ALA B 103 8.29 -24.89 46.03
C ALA B 103 7.85 -23.47 45.76
N ALA B 104 6.64 -23.33 45.22
CA ALA B 104 6.06 -22.02 44.92
C ALA B 104 5.99 -21.18 46.21
N ALA B 105 5.39 -21.77 47.25
CA ALA B 105 5.34 -21.05 48.52
C ALA B 105 6.76 -20.68 48.94
N GLY B 106 7.68 -21.63 48.74
CA GLY B 106 9.08 -21.44 49.07
C GLY B 106 9.62 -20.16 48.47
N THR B 107 9.30 -19.92 47.22
CA THR B 107 9.79 -18.69 46.63
C THR B 107 9.01 -17.45 47.05
N LEU B 108 7.72 -17.56 47.38
CA LEU B 108 7.07 -16.34 47.90
C LEU B 108 7.91 -15.87 49.08
N ILE B 109 8.19 -16.83 49.97
CA ILE B 109 9.04 -16.56 51.11
C ILE B 109 10.39 -15.96 50.66
N GLY B 110 10.97 -16.52 49.60
CA GLY B 110 12.23 -16.01 49.11
C GLY B 110 12.20 -14.54 48.69
N ALA B 111 11.24 -14.19 47.85
CA ALA B 111 11.17 -12.84 47.31
C ALA B 111 10.69 -11.81 48.33
N VAL B 112 9.77 -12.17 49.22
CA VAL B 112 9.42 -11.20 50.26
C VAL B 112 10.65 -10.96 51.11
N ALA B 113 11.37 -12.05 51.39
CA ALA B 113 12.58 -11.96 52.20
C ALA B 113 13.54 -10.98 51.53
N VAL B 114 13.81 -11.18 50.25
CA VAL B 114 14.74 -10.31 49.56
C VAL B 114 14.28 -8.86 49.47
N THR B 115 13.06 -8.58 49.00
CA THR B 115 12.70 -7.17 48.82
C THR B 115 12.66 -6.44 50.16
N ALA B 116 12.15 -7.11 51.19
CA ALA B 116 12.16 -6.51 52.51
C ALA B 116 13.61 -6.23 52.92
N LEU B 117 14.51 -7.18 52.64
CA LEU B 117 15.90 -7.03 52.99
C LEU B 117 16.53 -5.83 52.28
N LEU B 118 16.29 -5.74 50.97
CA LEU B 118 16.78 -4.65 50.13
C LEU B 118 16.29 -3.31 50.68
N TYR B 119 15.04 -3.28 51.09
CA TYR B 119 14.50 -2.10 51.75
C TYR B 119 15.10 -2.17 53.12
N LEU B 120 15.00 -1.09 53.89
CA LEU B 120 15.82 -0.97 55.09
C LEU B 120 17.25 -0.77 54.52
N TYR B 121 18.28 -1.00 55.31
CA TYR B 121 19.60 -0.69 54.83
C TYR B 121 20.49 -1.91 54.60
N PRO B 122 21.16 -1.94 53.45
CA PRO B 122 21.97 -3.01 52.89
C PRO B 122 23.31 -3.18 53.56
N GLU B 123 24.29 -3.37 52.68
CA GLU B 123 25.71 -3.48 53.00
C GLU B 123 26.41 -3.84 51.70
N TRP B 124 26.88 -2.83 50.97
CA TRP B 124 27.73 -3.02 49.79
C TRP B 124 27.29 -4.11 48.83
N TYR B 125 27.83 -5.28 49.14
CA TYR B 125 27.64 -6.47 48.36
C TYR B 125 26.19 -6.86 48.21
N VAL B 126 25.38 -6.68 49.24
CA VAL B 126 23.98 -7.05 49.13
C VAL B 126 23.32 -6.36 47.94
N ILE B 127 23.38 -5.03 47.92
CA ILE B 127 22.79 -4.31 46.79
C ILE B 127 23.43 -4.76 45.49
N ASP B 128 24.76 -4.94 45.47
CA ASP B 128 25.35 -5.37 44.19
C ASP B 128 24.78 -6.69 43.70
N ILE B 129 24.68 -7.63 44.61
CA ILE B 129 24.16 -8.94 44.34
C ILE B 129 22.78 -8.82 43.75
N LEU B 130 21.90 -8.11 44.46
CA LEU B 130 20.50 -7.99 44.05
C LEU B 130 20.35 -7.31 42.70
N GLY B 131 21.07 -6.23 42.50
CA GLY B 131 21.03 -5.55 41.23
C GLY B 131 21.42 -6.54 40.15
N VAL B 132 22.44 -7.35 40.44
CA VAL B 132 22.90 -8.31 39.45
C VAL B 132 21.82 -9.30 39.11
N LEU B 133 21.12 -9.75 40.14
CA LEU B 133 20.05 -10.72 39.99
C LEU B 133 18.97 -10.15 39.07
N ILE B 134 18.28 -9.10 39.56
CA ILE B 134 17.29 -8.37 38.77
C ILE B 134 17.75 -8.19 37.32
N SER B 135 18.97 -7.71 37.16
CA SER B 135 19.53 -7.44 35.84
C SER B 135 19.47 -8.71 34.99
N ALA B 136 19.95 -9.80 35.55
CA ALA B 136 19.93 -11.07 34.86
C ALA B 136 18.52 -11.42 34.46
N GLY B 137 17.56 -11.10 35.34
CA GLY B 137 16.16 -11.33 35.06
C GLY B 137 15.69 -10.62 33.80
N VAL B 138 15.83 -9.30 33.79
CA VAL B 138 15.42 -8.48 32.65
C VAL B 138 16.13 -8.90 31.36
N ALA B 139 17.42 -9.18 31.53
CA ALA B 139 18.26 -9.62 30.44
C ALA B 139 17.71 -10.87 29.81
N SER B 140 17.47 -11.86 30.67
CA SER B 140 16.95 -13.13 30.25
C SER B 140 15.64 -12.95 29.51
N ILE B 141 14.69 -12.24 30.14
CA ILE B 141 13.39 -12.05 29.52
C ILE B 141 13.51 -11.51 28.11
N PHE B 142 14.16 -10.37 27.95
CA PHE B 142 14.14 -9.77 26.63
C PHE B 142 14.93 -10.57 25.57
N GLY B 143 16.06 -11.12 26.02
CA GLY B 143 16.94 -11.88 25.17
C GLY B 143 16.12 -12.99 24.61
N ILE B 144 15.23 -13.52 25.45
CA ILE B 144 14.26 -14.54 25.05
C ILE B 144 13.14 -14.00 24.16
N SER B 145 12.61 -12.83 24.53
CA SER B 145 11.45 -12.23 23.91
C SER B 145 11.69 -11.75 22.48
N LEU B 146 12.95 -11.86 22.03
CA LEU B 146 13.29 -12.26 20.63
C LEU B 146 14.71 -12.01 20.12
N GLU B 147 14.89 -12.28 18.82
CA GLU B 147 16.13 -12.80 18.22
C GLU B 147 17.29 -11.79 17.99
N PRO B 148 18.52 -12.28 17.69
CA PRO B 148 19.67 -11.39 17.57
C PRO B 148 19.79 -10.58 16.28
N LEU B 149 18.87 -9.65 16.05
CA LEU B 149 18.91 -8.84 14.84
C LEU B 149 18.03 -7.66 15.11
N PRO B 150 16.83 -7.92 15.65
CA PRO B 150 16.17 -6.81 16.32
C PRO B 150 17.06 -6.35 17.47
N VAL B 151 17.72 -7.29 18.14
CA VAL B 151 18.63 -6.94 19.21
C VAL B 151 19.81 -6.16 18.69
N LEU B 152 20.39 -6.58 17.58
CA LEU B 152 21.49 -5.84 16.99
C LEU B 152 21.08 -4.39 16.76
N VAL B 153 19.95 -4.21 16.09
CA VAL B 153 19.45 -2.85 15.84
C VAL B 153 19.08 -2.08 17.11
N LEU B 154 18.44 -2.76 18.04
CA LEU B 154 18.06 -2.09 19.26
C LEU B 154 19.30 -1.55 19.88
N LEU B 155 20.29 -2.42 19.99
CA LEU B 155 21.58 -2.06 20.54
C LEU B 155 22.22 -0.86 19.87
N VAL B 156 22.43 -0.93 18.56
CA VAL B 156 23.13 0.20 17.92
C VAL B 156 22.32 1.49 18.05
N LEU B 157 21.00 1.39 18.03
CA LEU B 157 20.16 2.56 18.27
C LEU B 157 20.44 3.15 19.64
N LEU B 158 20.28 2.31 20.66
CA LEU B 158 20.40 2.74 22.04
C LEU B 158 21.76 3.38 22.29
N ALA B 159 22.79 2.67 21.85
CA ALA B 159 24.17 3.11 22.03
C ALA B 159 24.38 4.46 21.37
N VAL B 160 23.94 4.58 20.11
CA VAL B 160 24.13 5.84 19.39
C VAL B 160 23.41 6.98 20.10
N TYR B 161 22.20 6.74 20.59
CA TYR B 161 21.59 7.76 21.42
C TYR B 161 22.54 8.17 22.53
N ASP B 162 23.09 7.19 23.26
CA ASP B 162 23.94 7.57 24.40
C ASP B 162 25.10 8.46 23.99
N ALA B 163 25.93 7.98 23.06
CA ALA B 163 27.07 8.78 22.66
C ALA B 163 26.63 10.18 22.28
N ILE B 164 25.51 10.31 21.57
CA ILE B 164 25.08 11.65 21.26
C ILE B 164 24.62 12.47 22.45
N SER B 165 23.83 11.94 23.36
CA SER B 165 23.45 12.81 24.48
C SER B 165 24.67 13.17 25.33
N VAL B 166 25.66 12.28 25.38
CA VAL B 166 26.89 12.56 26.12
C VAL B 166 27.62 13.75 25.50
N TYR B 167 27.89 13.66 24.20
CA TYR B 167 28.52 14.78 23.52
C TYR B 167 27.73 16.07 23.64
N ARG B 168 26.41 16.02 23.42
CA ARG B 168 25.58 17.24 23.49
C ARG B 168 25.74 17.84 24.87
N THR B 169 25.51 17.04 25.90
CA THR B 169 25.61 17.52 27.28
C THR B 169 27.04 17.70 27.76
N LYS B 170 28.00 17.12 27.04
CA LYS B 170 29.41 17.42 27.30
C LYS B 170 29.72 18.81 26.70
N HIS B 171 29.43 18.92 25.41
CA HIS B 171 29.50 20.16 24.66
C HIS B 171 28.58 21.21 25.29
N MET B 172 27.59 20.77 26.04
CA MET B 172 26.70 21.68 26.78
C MET B 172 27.39 22.12 28.06
N ILE B 173 28.47 21.44 28.42
CA ILE B 173 29.36 21.91 29.49
C ILE B 173 30.43 22.87 28.96
N THR B 174 31.07 22.58 27.82
CA THR B 174 32.21 23.40 27.35
C THR B 174 31.84 24.86 27.22
N LEU B 175 30.68 25.25 27.73
CA LEU B 175 30.41 26.66 27.91
C LEU B 175 30.86 27.00 29.35
N ALA B 176 30.21 27.93 30.04
CA ALA B 176 30.78 28.48 31.28
C ALA B 176 32.20 29.07 31.07
N GLU B 210 21.52 10.11 42.57
CA GLU B 210 21.92 8.98 43.39
C GLU B 210 21.27 7.65 42.95
N ARG B 211 19.94 7.63 42.88
CA ARG B 211 19.19 6.41 42.54
C ARG B 211 19.26 6.08 41.05
N GLY B 212 19.00 7.09 40.23
CA GLY B 212 19.04 6.94 38.80
C GLY B 212 20.38 6.41 38.35
N ALA B 213 21.40 6.58 39.20
CA ALA B 213 22.73 6.08 38.91
C ALA B 213 22.75 4.55 38.95
N PHE B 214 22.16 3.98 40.00
CA PHE B 214 22.14 2.53 40.16
C PHE B 214 21.25 1.93 39.10
N VAL B 215 20.11 2.57 38.86
CA VAL B 215 19.24 2.24 37.73
C VAL B 215 19.94 2.18 36.38
N MET B 216 20.66 3.25 36.05
CA MET B 216 21.38 3.31 34.78
C MET B 216 22.52 2.29 34.73
N GLY B 217 23.13 2.04 35.89
CA GLY B 217 24.22 1.08 36.02
C GLY B 217 23.68 -0.28 35.63
N MET B 218 22.67 -0.71 36.40
CA MET B 218 21.95 -1.91 36.10
C MET B 218 21.60 -1.97 34.62
N GLY B 219 21.07 -0.88 34.07
CA GLY B 219 20.77 -0.78 32.65
C GLY B 219 21.94 -1.17 31.76
N ASP B 220 23.15 -0.83 32.18
CA ASP B 220 24.29 -1.18 31.34
C ASP B 220 24.71 -2.63 31.57
N LEU B 221 24.44 -3.11 32.76
CA LEU B 221 24.66 -4.50 33.06
C LEU B 221 23.77 -5.31 32.11
N ILE B 222 22.56 -4.80 31.87
CA ILE B 222 21.57 -5.43 31.00
C ILE B 222 21.85 -5.41 29.50
N MET B 223 22.12 -4.23 28.94
CA MET B 223 22.19 -4.07 27.47
C MET B 223 22.99 -5.14 26.66
N PRO B 224 24.24 -5.45 27.06
CA PRO B 224 24.96 -6.44 26.26
C PRO B 224 24.49 -7.86 26.51
N SER B 225 23.97 -8.13 27.71
CA SER B 225 23.52 -9.48 28.07
C SER B 225 22.38 -10.00 27.16
N ILE B 226 21.57 -9.09 26.64
CA ILE B 226 20.50 -9.43 25.71
C ILE B 226 21.02 -10.01 24.38
N LEU B 227 22.16 -9.55 23.89
CA LEU B 227 22.71 -10.17 22.71
C LEU B 227 23.25 -11.52 23.14
N VAL B 228 23.50 -11.68 24.44
CA VAL B 228 24.05 -12.95 24.90
C VAL B 228 22.95 -14.01 25.07
N VAL B 229 21.86 -13.66 25.75
CA VAL B 229 20.70 -14.54 25.78
C VAL B 229 20.17 -14.73 24.39
N SER B 230 19.77 -13.66 23.73
CA SER B 230 19.21 -13.82 22.38
C SER B 230 20.10 -14.42 21.31
N SER B 231 21.34 -14.82 21.58
CA SER B 231 22.12 -15.45 20.52
C SER B 231 22.31 -16.89 20.92
N HIS B 232 22.05 -17.10 22.20
CA HIS B 232 21.83 -18.42 22.75
C HIS B 232 20.47 -18.98 22.25
N VAL B 233 19.51 -18.09 22.02
CA VAL B 233 18.27 -18.41 21.31
C VAL B 233 18.52 -18.58 19.78
N PHE B 234 19.79 -18.61 19.38
CA PHE B 234 20.12 -18.94 18.01
C PHE B 234 20.78 -20.30 17.93
N ALA B 239 22.81 -22.94 17.19
CA ALA B 239 23.27 -23.09 15.82
C ALA B 239 24.80 -23.25 15.75
N VAL B 240 25.44 -23.44 16.90
CA VAL B 240 26.88 -23.73 16.96
C VAL B 240 27.22 -24.69 18.11
N LEU B 241 27.30 -24.14 19.32
CA LEU B 241 27.56 -24.89 20.57
C LEU B 241 28.96 -25.49 20.74
N TRP B 242 29.97 -24.66 21.04
CA TRP B 242 31.29 -25.14 21.44
C TRP B 242 31.28 -25.29 22.98
N THR B 243 32.03 -24.47 23.71
CA THR B 243 31.95 -24.53 25.17
C THR B 243 30.63 -23.90 25.60
N LEU B 244 29.53 -24.51 25.13
CA LEU B 244 28.17 -23.97 25.25
C LEU B 244 27.98 -22.64 24.52
N SER B 245 27.61 -22.75 23.24
CA SER B 245 27.33 -21.63 22.33
C SER B 245 28.50 -20.68 22.10
N ALA B 246 29.29 -20.97 21.08
CA ALA B 246 30.49 -20.18 20.80
C ALA B 246 30.28 -18.72 20.40
N PRO B 247 29.29 -18.44 19.54
CA PRO B 247 29.23 -17.03 19.18
C PRO B 247 28.68 -16.21 20.33
N THR B 248 27.76 -16.78 21.09
CA THR B 248 27.32 -16.13 22.32
C THR B 248 28.48 -15.94 23.31
N LEU B 249 29.42 -16.89 23.37
CA LEU B 249 30.67 -16.60 24.08
C LEU B 249 31.37 -15.36 23.54
N GLY B 250 31.57 -15.32 22.24
CA GLY B 250 32.20 -14.17 21.59
C GLY B 250 31.59 -12.86 22.01
N ALA B 251 30.27 -12.77 21.94
CA ALA B 251 29.58 -11.58 22.42
C ALA B 251 29.90 -11.33 23.88
N MET B 252 29.91 -12.40 24.68
CA MET B 252 30.10 -12.27 26.12
C MET B 252 31.46 -11.69 26.53
N VAL B 253 32.52 -12.22 25.93
CA VAL B 253 33.85 -11.70 26.14
C VAL B 253 33.91 -10.29 25.58
N GLY B 254 33.28 -10.06 24.42
CA GLY B 254 33.32 -8.75 23.79
C GLY B 254 32.73 -7.68 24.69
N SER B 255 31.72 -8.07 25.46
CA SER B 255 31.15 -7.17 26.45
C SER B 255 32.09 -7.01 27.63
N LEU B 256 32.81 -8.06 28.00
CA LEU B 256 33.70 -7.93 29.15
C LEU B 256 34.89 -7.02 28.83
N VAL B 257 35.37 -7.09 27.60
CA VAL B 257 36.42 -6.17 27.17
C VAL B 257 35.92 -4.75 26.87
N GLY B 258 34.67 -4.63 26.41
CA GLY B 258 34.11 -3.31 26.14
C GLY B 258 34.09 -2.47 27.39
N LEU B 259 33.49 -3.03 28.45
CA LEU B 259 33.39 -2.37 29.75
C LEU B 259 34.77 -2.09 30.25
N ALA B 260 35.73 -2.94 29.90
CA ALA B 260 37.10 -2.70 30.30
C ALA B 260 37.60 -1.39 29.70
N VAL B 261 37.43 -1.26 28.38
CA VAL B 261 37.85 -0.05 27.68
C VAL B 261 37.17 1.18 28.25
N LEU B 262 35.87 1.05 28.53
CA LEU B 262 35.16 2.14 29.15
C LEU B 262 35.79 2.51 30.48
N LEU B 263 36.08 1.54 31.34
CA LEU B 263 36.61 1.88 32.65
C LEU B 263 38.00 2.51 32.58
N TYR B 264 38.70 2.20 31.49
CA TYR B 264 40.03 2.76 31.32
C TYR B 264 39.83 4.23 31.06
N PHE B 265 39.02 4.56 30.05
CA PHE B 265 38.80 5.98 29.75
C PHE B 265 38.11 6.77 30.88
N VAL B 266 37.29 6.09 31.67
CA VAL B 266 36.62 6.72 32.81
C VAL B 266 37.70 7.19 33.75
N ASN B 267 38.75 6.40 33.92
CA ASN B 267 39.85 6.93 34.72
C ASN B 267 40.77 7.83 33.92
N LYS B 268 40.69 7.79 32.59
CA LYS B 268 41.44 8.72 31.76
C LYS B 268 40.93 10.13 32.04
N GLY B 269 39.71 10.24 32.56
CA GLY B 269 39.24 11.54 32.98
C GLY B 269 37.74 11.68 33.00
N ASN B 270 37.24 12.38 32.00
CA ASN B 270 35.80 12.59 31.81
C ASN B 270 35.14 11.71 30.74
N PRO B 271 35.76 11.62 29.53
CA PRO B 271 35.03 11.15 28.35
C PRO B 271 34.59 9.69 28.35
N GLN B 272 33.30 9.44 28.45
CA GLN B 272 32.83 8.10 28.13
C GLN B 272 31.41 8.07 27.58
N ALA B 273 31.31 7.85 26.27
CA ALA B 273 30.02 7.63 25.63
C ALA B 273 29.38 6.35 26.16
N GLY B 274 28.84 6.42 27.39
CA GLY B 274 28.13 5.32 28.05
C GLY B 274 28.02 3.93 27.44
N LEU B 275 26.91 3.67 26.73
CA LEU B 275 26.67 2.38 26.08
C LEU B 275 27.61 1.93 24.95
N PRO B 276 27.94 2.84 24.02
CA PRO B 276 28.77 2.44 22.87
C PRO B 276 30.06 1.62 23.06
N PRO B 277 30.69 1.63 24.24
CA PRO B 277 31.79 0.66 24.33
C PRO B 277 31.36 -0.79 24.33
N LEU B 278 30.82 -1.23 25.45
CA LEU B 278 30.39 -2.60 25.63
C LEU B 278 29.22 -2.98 24.72
N ASN B 279 28.23 -2.11 24.59
CA ASN B 279 27.11 -2.37 23.71
C ASN B 279 27.63 -2.65 22.28
N GLY B 280 28.22 -1.63 21.67
CA GLY B 280 28.79 -1.75 20.34
C GLY B 280 29.91 -2.78 20.24
N GLY B 281 30.59 -3.03 21.35
CA GLY B 281 31.76 -3.91 21.36
C GLY B 281 31.42 -5.37 21.53
N ALA B 282 30.40 -5.63 22.33
CA ALA B 282 29.83 -6.96 22.46
C ALA B 282 29.18 -7.33 21.13
N ILE B 283 28.55 -6.35 20.49
CA ILE B 283 28.13 -6.55 19.10
C ILE B 283 29.29 -6.98 18.21
N LEU B 284 30.40 -6.26 18.29
CA LEU B 284 31.58 -6.68 17.50
C LEU B 284 32.00 -8.12 17.85
N GLY B 285 31.97 -8.46 19.14
CA GLY B 285 32.40 -9.75 19.60
C GLY B 285 31.50 -10.88 19.13
N PHE B 286 30.21 -10.62 19.15
CA PHE B 286 29.21 -11.55 18.67
C PHE B 286 29.41 -11.85 17.22
N LEU B 287 29.59 -10.79 16.43
CA LEU B 287 29.77 -11.05 15.00
C LEU B 287 31.08 -11.80 14.80
N VAL B 288 32.02 -11.60 15.71
CA VAL B 288 33.30 -12.30 15.65
C VAL B 288 33.19 -13.80 15.98
N GLY B 289 32.38 -14.13 16.97
CA GLY B 289 32.22 -15.51 17.40
C GLY B 289 31.22 -16.24 16.53
N ALA B 290 30.55 -15.48 15.67
CA ALA B 290 29.56 -16.05 14.77
C ALA B 290 30.21 -16.36 13.45
N ALA B 291 31.10 -15.46 13.00
CA ALA B 291 31.85 -15.71 11.76
C ALA B 291 32.74 -16.96 11.88
N LEU B 292 32.65 -17.62 13.03
CA LEU B 292 33.40 -18.84 13.31
C LEU B 292 32.60 -20.11 13.03
N ALA B 293 31.29 -20.05 13.21
CA ALA B 293 30.43 -21.20 12.91
C ALA B 293 28.97 -20.80 12.74
N ARG C 4 -45.62 2.34 -41.21
CA ARG C 4 -45.48 3.14 -40.00
C ARG C 4 -45.23 2.34 -38.73
N ASP C 5 -45.83 1.18 -38.62
CA ASP C 5 -45.66 0.35 -37.42
C ASP C 5 -44.38 -0.47 -37.48
N TRP C 6 -43.76 -0.52 -38.66
CA TRP C 6 -42.57 -1.33 -38.90
C TRP C 6 -41.32 -0.81 -38.20
N LEU C 7 -41.24 0.51 -38.07
CA LEU C 7 -40.08 1.13 -37.44
C LEU C 7 -40.19 1.12 -35.90
N PRO C 8 -41.41 1.25 -35.34
CA PRO C 8 -41.44 0.96 -33.89
C PRO C 8 -41.27 -0.53 -33.63
N LEU C 9 -41.75 -1.39 -34.54
CA LEU C 9 -41.51 -2.82 -34.40
C LEU C 9 -40.06 -3.18 -34.73
N LEU C 10 -39.29 -2.19 -35.14
CA LEU C 10 -37.85 -2.34 -35.29
C LEU C 10 -37.06 -1.74 -34.10
N GLY C 11 -37.26 -0.45 -33.83
CA GLY C 11 -36.55 0.29 -32.79
C GLY C 11 -35.04 0.24 -32.87
N MET C 12 -34.47 0.96 -33.83
CA MET C 12 -33.00 0.96 -34.03
C MET C 12 -32.38 2.36 -34.29
N PRO C 13 -33.15 3.26 -34.92
CA PRO C 13 -32.77 4.69 -34.91
C PRO C 13 -32.63 5.13 -33.45
N LEU C 14 -33.38 4.40 -32.65
CA LEU C 14 -33.29 4.38 -31.22
C LEU C 14 -31.84 4.17 -30.83
N MET C 15 -31.24 3.09 -31.33
CA MET C 15 -29.87 2.79 -30.96
C MET C 15 -28.94 3.94 -31.35
N LEU C 16 -29.23 4.56 -32.50
CA LEU C 16 -28.42 5.71 -32.93
C LEU C 16 -28.43 6.88 -31.95
N LEU C 17 -29.61 7.48 -31.78
CA LEU C 17 -29.76 8.60 -30.83
C LEU C 17 -29.12 8.24 -29.52
N PHE C 18 -29.38 7.00 -29.07
CA PHE C 18 -28.81 6.51 -27.83
C PHE C 18 -27.30 6.62 -27.73
N VAL C 19 -26.60 6.11 -28.74
CA VAL C 19 -25.14 6.20 -28.69
C VAL C 19 -24.69 7.66 -28.62
N GLN C 20 -25.31 8.52 -29.43
CA GLN C 20 -24.89 9.94 -29.38
C GLN C 20 -25.05 10.56 -27.97
N ILE C 21 -26.24 10.38 -27.40
CA ILE C 21 -26.53 10.89 -26.06
C ILE C 21 -25.59 10.35 -24.98
N ILE C 22 -25.50 9.04 -24.86
CA ILE C 22 -24.63 8.45 -23.85
C ILE C 22 -23.17 8.86 -24.07
N ALA C 23 -22.82 9.14 -25.33
CA ALA C 23 -21.46 9.61 -25.64
C ALA C 23 -21.18 11.00 -25.10
N ILE C 24 -22.19 11.87 -25.09
CA ILE C 24 -21.97 13.18 -24.50
C ILE C 24 -21.85 13.04 -22.97
N VAL C 25 -22.83 12.35 -22.41
CA VAL C 25 -22.82 12.10 -20.98
C VAL C 25 -21.48 11.53 -20.50
N LEU C 26 -20.85 10.75 -21.35
CA LEU C 26 -19.53 10.25 -21.03
C LEU C 26 -18.47 11.29 -21.37
N VAL C 27 -18.80 12.25 -22.25
CA VAL C 27 -17.81 13.27 -22.66
C VAL C 27 -17.35 13.95 -21.41
N MET C 28 -18.26 14.17 -20.46
CA MET C 28 -17.71 14.77 -19.25
C MET C 28 -16.56 13.93 -18.61
N PRO C 29 -16.86 12.78 -17.97
CA PRO C 29 -15.74 12.21 -17.20
C PRO C 29 -14.55 11.68 -18.04
N MET C 30 -14.78 11.43 -19.33
CA MET C 30 -13.74 10.79 -20.14
C MET C 30 -12.55 11.73 -20.38
N GLN C 31 -12.73 13.02 -20.10
CA GLN C 31 -11.58 13.89 -19.91
C GLN C 31 -11.31 13.97 -18.40
N ALA C 32 -12.34 14.40 -17.67
CA ALA C 32 -12.33 14.51 -16.22
C ALA C 32 -12.10 13.18 -15.52
N SER C 42 -3.51 18.49 -31.89
CA SER C 42 -4.14 19.60 -32.63
C SER C 42 -4.12 19.42 -34.16
N SER C 43 -2.98 18.99 -34.68
CA SER C 43 -2.77 18.72 -36.11
C SER C 43 -3.85 17.87 -36.77
N VAL C 44 -4.08 18.16 -38.05
CA VAL C 44 -5.04 17.47 -38.92
C VAL C 44 -4.53 16.10 -39.36
N ALA C 45 -3.30 15.76 -38.99
CA ALA C 45 -2.73 14.45 -39.29
C ALA C 45 -3.34 13.39 -38.39
N ASN C 46 -4.10 13.87 -37.42
CA ASN C 46 -4.78 12.99 -36.49
C ASN C 46 -5.63 11.91 -37.21
N PRO C 47 -6.40 12.30 -38.25
CA PRO C 47 -7.02 11.23 -39.08
C PRO C 47 -6.04 10.18 -39.63
N LEU C 48 -4.87 10.60 -40.09
CA LEU C 48 -3.87 9.65 -40.58
C LEU C 48 -3.41 8.69 -39.47
N ILE C 49 -3.05 9.22 -38.31
CA ILE C 49 -2.65 8.37 -37.18
C ILE C 49 -3.77 7.41 -36.82
N PHE C 50 -4.98 7.95 -36.90
CA PHE C 50 -6.20 7.24 -36.53
C PHE C 50 -6.34 6.00 -37.39
N ILE C 51 -6.35 6.23 -38.70
CA ILE C 51 -6.42 5.18 -39.70
C ILE C 51 -5.31 4.16 -39.52
N GLY C 52 -4.06 4.61 -39.51
CA GLY C 52 -2.94 3.69 -39.37
C GLY C 52 -3.07 2.76 -38.19
N MET C 53 -3.43 3.35 -37.05
CA MET C 53 -3.63 2.55 -35.87
C MET C 53 -4.83 1.57 -36.04
N LEU C 54 -5.84 1.99 -36.80
CA LEU C 54 -6.99 1.15 -37.12
C LEU C 54 -6.60 -0.07 -37.94
N LEU C 55 -5.73 0.14 -38.91
CA LEU C 55 -5.17 -0.92 -39.71
C LEU C 55 -4.45 -1.84 -38.74
N ALA C 56 -3.78 -1.28 -37.74
CA ALA C 56 -3.05 -2.14 -36.80
C ALA C 56 -4.02 -3.00 -36.02
N PHE C 57 -5.16 -2.40 -35.66
CA PHE C 57 -6.20 -3.08 -34.90
C PHE C 57 -6.75 -4.24 -35.67
N THR C 58 -7.05 -3.98 -36.93
CA THR C 58 -7.58 -5.01 -37.78
C THR C 58 -6.56 -6.10 -37.93
N LEU C 59 -5.35 -5.81 -38.42
CA LEU C 59 -4.30 -6.83 -38.55
C LEU C 59 -4.18 -7.68 -37.28
N VAL C 60 -4.29 -7.06 -36.13
CA VAL C 60 -4.25 -7.85 -34.91
C VAL C 60 -5.44 -8.79 -34.79
N LEU C 61 -6.64 -8.21 -34.91
CA LEU C 61 -7.89 -8.95 -34.77
C LEU C 61 -7.98 -10.07 -35.82
N LEU C 62 -7.41 -9.78 -36.98
CA LEU C 62 -7.38 -10.71 -38.07
C LEU C 62 -6.46 -11.82 -37.67
N VAL C 63 -5.21 -11.48 -37.39
CA VAL C 63 -4.19 -12.49 -37.18
C VAL C 63 -4.51 -13.36 -35.98
N LEU C 64 -5.23 -12.78 -35.03
CA LEU C 64 -5.76 -13.50 -33.89
C LEU C 64 -6.86 -14.46 -34.36
N LEU C 65 -7.62 -14.06 -35.37
CA LEU C 65 -8.62 -14.96 -35.94
C LEU C 65 -7.96 -16.08 -36.77
N ARG C 66 -7.04 -15.73 -37.65
CA ARG C 66 -6.29 -16.70 -38.42
C ARG C 66 -5.47 -17.62 -37.50
N THR C 67 -5.20 -17.21 -36.26
CA THR C 67 -4.40 -18.05 -35.40
C THR C 67 -5.30 -18.99 -34.64
N GLY C 68 -5.18 -19.07 -33.33
CA GLY C 68 -6.03 -19.98 -32.58
C GLY C 68 -7.28 -19.22 -32.21
N GLY C 69 -8.07 -19.75 -31.28
CA GLY C 69 -7.83 -21.05 -30.70
C GLY C 69 -9.11 -21.32 -29.94
N ARG C 70 -10.22 -21.09 -30.62
CA ARG C 70 -11.57 -21.23 -30.07
C ARG C 70 -11.76 -20.26 -28.91
N ARG C 71 -11.23 -20.58 -27.72
CA ARG C 71 -11.26 -19.60 -26.64
C ARG C 71 -10.02 -18.74 -26.61
N PHE C 72 -8.87 -19.27 -27.02
CA PHE C 72 -7.63 -18.48 -27.04
C PHE C 72 -7.76 -17.23 -27.92
N ILE C 73 -9.01 -16.81 -28.10
CA ILE C 73 -9.44 -15.71 -28.95
C ILE C 73 -10.74 -15.20 -28.35
N ALA C 74 -11.53 -16.12 -27.84
CA ALA C 74 -12.73 -15.77 -27.12
C ALA C 74 -12.29 -15.12 -25.80
N ALA C 75 -11.23 -15.67 -25.23
CA ALA C 75 -10.70 -15.11 -24.00
C ALA C 75 -10.04 -13.76 -24.33
N PHE C 76 -9.06 -13.71 -25.22
CA PHE C 76 -8.49 -12.43 -25.65
C PHE C 76 -9.55 -11.34 -25.88
N ILE C 77 -10.56 -11.62 -26.66
CA ILE C 77 -11.53 -10.58 -26.96
C ILE C 77 -12.36 -10.23 -25.73
N GLY C 78 -12.69 -11.25 -24.94
CA GLY C 78 -13.44 -11.05 -23.72
C GLY C 78 -12.66 -10.12 -22.81
N PHE C 79 -11.34 -10.25 -22.86
CA PHE C 79 -10.49 -9.40 -22.06
C PHE C 79 -10.57 -7.97 -22.46
N ALA C 80 -10.30 -7.71 -23.74
CA ALA C 80 -10.40 -6.36 -24.26
C ALA C 80 -11.74 -5.74 -23.86
N LEU C 81 -12.79 -6.53 -24.04
CA LEU C 81 -14.15 -6.15 -23.71
C LEU C 81 -14.21 -5.69 -22.27
N PHE C 82 -13.66 -6.56 -21.43
CA PHE C 82 -13.65 -6.33 -20.02
C PHE C 82 -13.00 -4.99 -19.69
N MET C 83 -11.88 -4.72 -20.35
CA MET C 83 -11.12 -3.52 -20.08
C MET C 83 -11.87 -2.26 -20.45
N THR C 84 -12.36 -2.21 -21.68
CA THR C 84 -13.07 -1.03 -22.16
C THR C 84 -14.28 -0.83 -21.28
N PHE C 85 -14.80 -1.93 -20.76
CA PHE C 85 -15.88 -1.83 -19.82
C PHE C 85 -15.40 -1.24 -18.48
N LEU C 86 -14.15 -1.50 -18.10
CA LEU C 86 -13.61 -0.83 -16.92
C LEU C 86 -13.55 0.64 -17.12
N TYR C 87 -12.91 1.11 -18.19
CA TYR C 87 -12.79 2.57 -18.37
C TYR C 87 -14.13 3.26 -18.53
N ILE C 88 -15.00 2.64 -19.34
CA ILE C 88 -16.36 3.15 -19.55
C ILE C 88 -17.08 3.19 -18.21
N PHE C 89 -17.05 2.10 -17.45
CA PHE C 89 -17.59 2.11 -16.10
C PHE C 89 -16.84 3.04 -15.13
N GLY C 90 -15.86 2.44 -14.44
CA GLY C 90 -14.97 3.08 -13.49
C GLY C 90 -14.62 4.51 -13.69
N ALA C 91 -13.76 4.82 -14.66
CA ALA C 91 -13.33 6.21 -14.83
C ALA C 91 -14.54 7.13 -15.11
N LEU C 92 -15.45 6.63 -15.92
CA LEU C 92 -16.71 7.33 -16.20
C LEU C 92 -17.73 7.10 -15.07
N SER C 93 -17.26 7.04 -13.83
CA SER C 93 -18.09 6.72 -12.67
C SER C 93 -17.34 6.90 -11.36
N LEU C 94 -16.06 6.57 -11.35
CA LEU C 94 -15.21 6.81 -10.18
C LEU C 94 -14.86 8.29 -10.08
N LEU C 95 -14.66 8.91 -11.24
CA LEU C 95 -14.52 10.37 -11.29
C LEU C 95 -15.91 11.02 -11.23
N ALA C 96 -16.90 10.22 -10.80
CA ALA C 96 -18.28 10.69 -10.60
C ALA C 96 -18.57 10.58 -9.11
N LEU C 97 -18.36 9.39 -8.56
CA LEU C 97 -18.55 9.13 -7.14
C LEU C 97 -17.26 9.35 -6.34
N GLY C 98 -16.48 8.28 -6.25
CA GLY C 98 -15.26 8.25 -5.47
C GLY C 98 -14.05 8.98 -6.02
N PRO C 99 -12.84 8.43 -5.79
CA PRO C 99 -12.48 7.08 -5.34
C PRO C 99 -12.87 6.88 -3.87
N THR C 100 -12.84 5.67 -3.29
CA THR C 100 -12.25 4.51 -3.92
C THR C 100 -13.12 3.27 -3.81
N THR C 101 -12.72 2.35 -2.93
CA THR C 101 -13.37 1.05 -2.68
C THR C 101 -14.83 1.03 -3.10
N ALA C 102 -15.68 1.82 -2.44
CA ALA C 102 -17.09 1.94 -2.82
C ALA C 102 -17.19 2.06 -4.36
N ALA C 103 -16.62 3.12 -4.92
CA ALA C 103 -16.62 3.30 -6.36
C ALA C 103 -15.66 2.34 -7.07
N ALA C 104 -14.41 2.26 -6.61
CA ALA C 104 -13.42 1.45 -7.33
C ALA C 104 -13.79 -0.02 -7.45
N ALA C 105 -13.89 -0.69 -6.29
CA ALA C 105 -14.31 -2.08 -6.27
C ALA C 105 -15.66 -2.20 -6.95
N GLY C 106 -16.49 -1.17 -6.77
CA GLY C 106 -17.78 -1.11 -7.41
C GLY C 106 -17.71 -1.31 -8.92
N THR C 107 -16.80 -0.60 -9.58
CA THR C 107 -16.70 -0.71 -11.03
C THR C 107 -15.94 -1.94 -11.49
N LEU C 108 -14.97 -2.42 -10.70
CA LEU C 108 -14.35 -3.68 -11.13
C LEU C 108 -15.45 -4.79 -11.13
N ILE C 109 -16.18 -4.85 -10.03
CA ILE C 109 -17.30 -5.79 -9.92
C ILE C 109 -18.27 -5.58 -11.08
N GLY C 110 -18.61 -4.31 -11.34
CA GLY C 110 -19.56 -3.97 -12.38
C GLY C 110 -19.13 -4.48 -13.75
N ALA C 111 -17.89 -4.23 -14.09
CA ALA C 111 -17.43 -4.59 -15.41
C ALA C 111 -17.33 -6.09 -15.55
N VAL C 112 -16.94 -6.79 -14.49
CA VAL C 112 -16.87 -8.24 -14.60
C VAL C 112 -18.28 -8.76 -14.84
N ALA C 113 -19.22 -8.15 -14.11
CA ALA C 113 -20.62 -8.53 -14.20
C ALA C 113 -21.14 -8.38 -15.62
N VAL C 114 -20.94 -7.21 -16.20
CA VAL C 114 -21.44 -6.95 -17.53
C VAL C 114 -20.78 -7.84 -18.59
N THR C 115 -19.45 -7.99 -18.59
CA THR C 115 -18.84 -8.84 -19.63
C THR C 115 -19.16 -10.31 -19.45
N ALA C 116 -19.23 -10.78 -18.21
CA ALA C 116 -19.62 -12.16 -17.94
C ALA C 116 -21.03 -12.38 -18.44
N LEU C 117 -21.89 -11.40 -18.15
CA LEU C 117 -23.28 -11.42 -18.56
C LEU C 117 -23.28 -11.60 -20.05
N LEU C 118 -22.50 -10.75 -20.69
CA LEU C 118 -22.30 -10.75 -22.13
C LEU C 118 -21.85 -12.11 -22.67
N TYR C 119 -20.95 -12.81 -21.97
CA TYR C 119 -20.44 -14.09 -22.48
C TYR C 119 -21.38 -15.25 -22.28
N LEU C 120 -22.24 -15.11 -21.28
CA LEU C 120 -23.28 -16.12 -21.08
C LEU C 120 -24.23 -16.09 -22.29
N TYR C 121 -25.51 -15.95 -22.02
CA TYR C 121 -26.43 -15.87 -23.13
C TYR C 121 -27.37 -14.69 -23.00
N PRO C 122 -27.16 -13.73 -23.90
CA PRO C 122 -27.77 -12.41 -23.96
C PRO C 122 -29.19 -12.46 -24.47
N GLU C 123 -29.76 -11.29 -24.65
CA GLU C 123 -31.01 -11.14 -25.35
C GLU C 123 -30.73 -10.04 -26.33
N TRP C 124 -31.68 -9.78 -27.22
CA TRP C 124 -31.59 -8.62 -28.08
C TRP C 124 -31.34 -7.37 -27.26
N TYR C 125 -32.18 -7.18 -26.25
CA TYR C 125 -32.11 -5.96 -25.47
C TYR C 125 -30.78 -5.85 -24.76
N VAL C 126 -30.28 -6.96 -24.22
CA VAL C 126 -28.98 -6.96 -23.57
C VAL C 126 -27.87 -6.53 -24.53
N ILE C 127 -27.79 -7.22 -25.66
CA ILE C 127 -26.71 -6.93 -26.63
C ILE C 127 -26.74 -5.47 -27.11
N ASP C 128 -27.91 -4.91 -27.39
CA ASP C 128 -27.94 -3.48 -27.74
C ASP C 128 -27.46 -2.62 -26.57
N ILE C 129 -27.89 -2.98 -25.37
CA ILE C 129 -27.49 -2.20 -24.23
C ILE C 129 -25.96 -2.13 -24.20
N LEU C 130 -25.33 -3.30 -24.21
CA LEU C 130 -23.88 -3.30 -24.08
C LEU C 130 -23.17 -2.67 -25.29
N GLY C 131 -23.57 -3.06 -26.48
CA GLY C 131 -22.97 -2.51 -27.68
C GLY C 131 -23.09 -1.02 -27.78
N VAL C 132 -24.26 -0.49 -27.47
CA VAL C 132 -24.49 0.94 -27.53
C VAL C 132 -23.63 1.58 -26.50
N LEU C 133 -23.50 0.89 -25.36
CA LEU C 133 -22.69 1.41 -24.28
C LEU C 133 -21.27 1.65 -24.77
N ILE C 134 -20.60 0.56 -25.13
CA ILE C 134 -19.30 0.63 -25.78
C ILE C 134 -19.22 1.74 -26.83
N SER C 135 -20.17 1.75 -27.75
CA SER C 135 -20.13 2.71 -28.83
C SER C 135 -20.10 4.13 -28.27
N ALA C 136 -20.99 4.43 -27.35
CA ALA C 136 -20.99 5.74 -26.73
C ALA C 136 -19.63 6.06 -26.09
N GLY C 137 -19.02 5.05 -25.48
CA GLY C 137 -17.69 5.22 -24.91
C GLY C 137 -16.70 5.72 -25.96
N VAL C 138 -16.55 4.94 -27.02
CA VAL C 138 -15.60 5.28 -28.06
C VAL C 138 -15.84 6.63 -28.74
N ALA C 139 -17.12 6.87 -29.05
CA ALA C 139 -17.55 8.11 -29.67
C ALA C 139 -17.10 9.28 -28.82
N SER C 140 -17.36 9.14 -27.52
CA SER C 140 -16.93 10.13 -26.55
C SER C 140 -15.42 10.38 -26.60
N ILE C 141 -14.67 9.29 -26.45
CA ILE C 141 -13.22 9.38 -26.35
C ILE C 141 -12.66 10.15 -27.51
N PHE C 142 -12.95 9.73 -28.74
CA PHE C 142 -12.34 10.41 -29.88
C PHE C 142 -12.84 11.82 -30.07
N GLY C 143 -14.12 12.02 -29.76
CA GLY C 143 -14.69 13.34 -29.90
C GLY C 143 -13.84 14.27 -29.08
N ILE C 144 -13.40 13.82 -27.91
CA ILE C 144 -12.42 14.62 -27.18
C ILE C 144 -10.98 14.52 -27.74
N SER C 145 -10.56 13.31 -28.02
CA SER C 145 -9.16 12.99 -28.29
C SER C 145 -8.70 13.65 -29.58
N LEU C 146 -9.61 14.40 -30.21
CA LEU C 146 -9.28 15.60 -31.03
C LEU C 146 -10.37 16.16 -31.99
N GLU C 147 -9.97 17.16 -32.79
CA GLU C 147 -10.83 18.27 -33.19
C GLU C 147 -11.73 18.07 -34.39
N PRO C 148 -12.80 18.88 -34.51
CA PRO C 148 -13.78 18.87 -35.59
C PRO C 148 -13.27 18.99 -37.04
N LEU C 149 -12.22 19.76 -37.34
CA LEU C 149 -11.82 19.85 -38.73
C LEU C 149 -11.09 18.57 -39.16
N PRO C 150 -10.18 18.06 -38.32
CA PRO C 150 -9.72 16.69 -38.54
C PRO C 150 -10.84 15.65 -38.57
N VAL C 151 -11.82 15.73 -37.67
CA VAL C 151 -12.91 14.78 -37.68
C VAL C 151 -13.68 14.86 -38.98
N LEU C 152 -14.03 16.05 -39.44
CA LEU C 152 -14.70 16.19 -40.71
C LEU C 152 -13.91 15.54 -41.83
N VAL C 153 -12.59 15.78 -41.83
CA VAL C 153 -11.74 15.14 -42.84
C VAL C 153 -11.88 13.63 -42.75
N LEU C 154 -11.84 13.13 -41.53
CA LEU C 154 -11.94 11.70 -41.27
C LEU C 154 -13.27 11.12 -41.76
N LEU C 155 -14.37 11.76 -41.39
CA LEU C 155 -15.70 11.33 -41.81
C LEU C 155 -15.80 11.20 -43.32
N VAL C 156 -15.49 12.29 -44.02
CA VAL C 156 -15.66 12.24 -45.47
C VAL C 156 -14.75 11.15 -46.03
N LEU C 157 -13.57 11.03 -45.44
CA LEU C 157 -12.56 10.07 -45.87
C LEU C 157 -13.05 8.63 -45.77
N LEU C 158 -13.40 8.22 -44.56
CA LEU C 158 -13.86 6.87 -44.28
C LEU C 158 -15.11 6.52 -45.09
N ALA C 159 -16.06 7.46 -45.12
CA ALA C 159 -17.30 7.27 -45.87
C ALA C 159 -17.06 7.07 -47.37
N VAL C 160 -16.25 7.94 -47.96
CA VAL C 160 -15.96 7.84 -49.38
C VAL C 160 -15.28 6.51 -49.64
N TYR C 161 -14.36 6.15 -48.77
CA TYR C 161 -13.77 4.83 -48.86
C TYR C 161 -14.83 3.75 -48.91
N ASP C 162 -15.76 3.78 -47.97
CA ASP C 162 -16.77 2.73 -47.83
C ASP C 162 -17.54 2.59 -49.12
N ALA C 163 -18.08 3.72 -49.59
CA ALA C 163 -18.86 3.72 -50.83
C ALA C 163 -18.06 3.09 -51.96
N ILE C 164 -16.77 3.40 -52.00
CA ILE C 164 -15.91 2.81 -52.99
C ILE C 164 -15.80 1.28 -52.88
N SER C 165 -15.57 0.79 -51.67
CA SER C 165 -15.38 -0.64 -51.52
C SER C 165 -16.65 -1.43 -51.82
N VAL C 166 -17.80 -0.93 -51.39
CA VAL C 166 -19.04 -1.66 -51.72
C VAL C 166 -19.34 -1.61 -53.22
N TYR C 167 -19.10 -0.47 -53.89
CA TYR C 167 -19.24 -0.46 -55.35
C TYR C 167 -18.36 -1.55 -55.94
N ARG C 168 -17.16 -1.70 -55.40
CA ARG C 168 -16.24 -2.71 -55.88
C ARG C 168 -16.86 -4.09 -55.78
N THR C 169 -17.34 -4.48 -54.59
CA THR C 169 -17.91 -5.82 -54.49
C THR C 169 -19.24 -5.98 -55.24
N LYS C 170 -19.95 -4.89 -55.48
CA LYS C 170 -21.21 -4.94 -56.24
C LYS C 170 -20.91 -5.25 -57.70
N HIS C 171 -20.01 -4.45 -58.25
CA HIS C 171 -19.50 -4.63 -59.60
C HIS C 171 -18.77 -5.96 -59.72
N MET C 172 -18.38 -6.55 -58.59
CA MET C 172 -17.76 -7.86 -58.59
C MET C 172 -18.85 -8.93 -58.69
N ILE C 173 -20.09 -8.52 -58.42
CA ILE C 173 -21.24 -9.38 -58.65
C ILE C 173 -21.80 -9.32 -60.08
N THR C 174 -22.11 -8.13 -60.60
CA THR C 174 -22.75 -8.07 -61.91
C THR C 174 -21.84 -8.62 -63.00
N LEU C 175 -20.56 -8.82 -62.67
CA LEU C 175 -19.63 -9.48 -63.56
C LEU C 175 -19.56 -10.96 -63.21
N ALA C 176 -19.97 -11.28 -62.00
CA ALA C 176 -19.88 -12.65 -61.54
C ALA C 176 -20.97 -13.48 -62.20
N GLU C 177 -22.15 -13.48 -61.61
CA GLU C 177 -23.31 -14.13 -62.18
C GLU C 177 -24.46 -13.15 -62.41
N GLY C 212 -20.71 -11.27 -35.31
CA GLY C 212 -19.52 -10.71 -35.93
C GLY C 212 -19.83 -9.54 -36.85
N ALA C 213 -21.09 -9.47 -37.24
CA ALA C 213 -21.59 -8.39 -38.08
C ALA C 213 -21.49 -7.09 -37.31
N PHE C 214 -21.70 -7.21 -36.00
CA PHE C 214 -21.72 -6.05 -35.14
C PHE C 214 -20.41 -5.32 -34.98
N VAL C 215 -19.28 -6.02 -34.98
CA VAL C 215 -18.01 -5.33 -34.89
C VAL C 215 -18.03 -4.14 -35.86
N MET C 216 -18.29 -4.45 -37.12
CA MET C 216 -18.44 -3.43 -38.14
C MET C 216 -19.68 -2.58 -37.81
N GLY C 217 -20.73 -3.21 -37.27
CA GLY C 217 -21.98 -2.50 -37.00
C GLY C 217 -21.95 -1.37 -35.96
N MET C 218 -21.93 -1.71 -34.67
CA MET C 218 -21.77 -0.70 -33.65
C MET C 218 -20.56 0.15 -34.04
N GLY C 219 -19.54 -0.51 -34.59
CA GLY C 219 -18.40 0.22 -35.08
C GLY C 219 -18.78 1.38 -35.98
N ASP C 220 -19.79 1.24 -36.82
CA ASP C 220 -20.23 2.38 -37.65
C ASP C 220 -21.34 3.18 -36.98
N LEU C 221 -22.00 2.61 -35.98
CA LEU C 221 -22.87 3.41 -35.13
C LEU C 221 -22.06 4.60 -34.60
N ILE C 222 -20.77 4.35 -34.38
CA ILE C 222 -19.86 5.33 -33.81
C ILE C 222 -19.53 6.64 -34.60
N MET C 223 -19.21 6.55 -35.89
CA MET C 223 -18.66 7.70 -36.65
C MET C 223 -19.36 9.07 -36.46
N PRO C 224 -20.67 9.11 -36.76
CA PRO C 224 -21.30 10.43 -36.63
C PRO C 224 -21.35 10.86 -35.16
N SER C 225 -21.41 9.88 -34.27
CA SER C 225 -21.41 10.21 -32.86
C SER C 225 -20.11 10.91 -32.47
N ILE C 226 -18.98 10.50 -33.07
CA ILE C 226 -17.73 11.22 -32.80
C ILE C 226 -17.78 12.63 -33.33
N LEU C 227 -18.40 12.83 -34.49
CA LEU C 227 -18.49 14.21 -34.96
C LEU C 227 -19.41 15.01 -34.03
N VAL C 228 -20.27 14.32 -33.28
CA VAL C 228 -21.14 15.05 -32.37
C VAL C 228 -20.43 15.43 -31.06
N VAL C 229 -19.68 14.49 -30.49
CA VAL C 229 -18.87 14.79 -29.32
C VAL C 229 -17.82 15.88 -29.63
N SER C 230 -17.07 15.70 -30.72
CA SER C 230 -16.12 16.72 -31.11
C SER C 230 -16.88 18.03 -31.34
N SER C 231 -18.15 17.94 -31.75
CA SER C 231 -18.96 19.14 -31.90
C SER C 231 -19.25 19.75 -30.52
N HIS C 232 -19.11 18.94 -29.47
CA HIS C 232 -19.02 19.54 -28.12
C HIS C 232 -17.66 20.17 -27.78
N VAL C 233 -16.57 19.70 -28.40
CA VAL C 233 -15.30 20.46 -28.32
C VAL C 233 -15.54 21.82 -28.94
N PHE C 234 -16.22 21.88 -30.06
CA PHE C 234 -16.65 23.20 -30.53
C PHE C 234 -18.16 23.34 -30.70
N VAL C 240 -23.50 29.94 -30.50
CA VAL C 240 -22.55 28.84 -30.62
C VAL C 240 -22.82 27.85 -29.48
N LEU C 241 -23.69 28.25 -28.57
CA LEU C 241 -24.07 27.40 -27.45
C LEU C 241 -25.59 27.31 -27.27
N TRP C 242 -26.00 27.02 -26.04
CA TRP C 242 -27.40 26.97 -25.64
C TRP C 242 -28.17 25.84 -26.32
N THR C 243 -29.49 25.91 -26.25
CA THR C 243 -30.37 24.88 -26.81
C THR C 243 -29.82 23.54 -26.37
N LEU C 244 -29.70 23.41 -25.05
CA LEU C 244 -29.09 22.27 -24.37
C LEU C 244 -27.67 21.98 -24.86
N SER C 245 -27.43 22.12 -26.16
CA SER C 245 -26.18 21.71 -26.76
C SER C 245 -25.92 22.10 -28.23
N ALA C 246 -26.91 22.61 -28.99
CA ALA C 246 -26.70 22.83 -30.45
C ALA C 246 -25.39 23.55 -30.87
N PRO C 247 -24.90 23.30 -32.10
CA PRO C 247 -25.50 22.62 -33.25
C PRO C 247 -25.64 21.15 -32.95
N THR C 248 -24.53 20.48 -32.62
CA THR C 248 -24.49 19.11 -32.08
C THR C 248 -25.74 18.24 -32.31
N LEU C 249 -26.84 18.66 -31.67
CA LEU C 249 -28.17 18.12 -31.96
C LEU C 249 -28.46 18.16 -33.45
N GLY C 250 -28.24 19.31 -34.09
CA GLY C 250 -28.44 19.48 -35.51
C GLY C 250 -27.76 18.32 -36.22
N ALA C 251 -26.52 18.06 -35.81
CA ALA C 251 -25.77 16.93 -36.31
C ALA C 251 -26.52 15.62 -36.06
N MET C 252 -27.17 15.49 -34.91
CA MET C 252 -27.94 14.27 -34.62
C MET C 252 -29.16 14.12 -35.53
N VAL C 253 -29.85 15.23 -35.79
CA VAL C 253 -31.00 15.23 -36.67
C VAL C 253 -30.57 14.77 -38.04
N GLY C 254 -29.47 15.35 -38.53
CA GLY C 254 -28.94 14.97 -39.82
C GLY C 254 -28.46 13.53 -39.83
N SER C 255 -28.02 13.07 -38.68
CA SER C 255 -27.52 11.71 -38.52
C SER C 255 -28.67 10.73 -38.68
N LEU C 256 -29.80 11.14 -38.15
CA LEU C 256 -31.03 10.35 -38.19
C LEU C 256 -31.63 10.36 -39.59
N VAL C 257 -31.47 11.48 -40.29
CA VAL C 257 -31.97 11.57 -41.65
C VAL C 257 -31.10 10.67 -42.49
N GLY C 258 -29.81 10.61 -42.15
CA GLY C 258 -28.88 9.72 -42.83
C GLY C 258 -29.26 8.27 -42.65
N LEU C 259 -29.51 7.89 -41.39
CA LEU C 259 -29.92 6.53 -41.03
C LEU C 259 -31.19 6.17 -41.78
N ALA C 260 -32.07 7.16 -41.93
CA ALA C 260 -33.31 6.96 -42.66
C ALA C 260 -33.01 6.62 -44.12
N VAL C 261 -32.18 7.46 -44.76
CA VAL C 261 -31.81 7.25 -46.15
C VAL C 261 -31.18 5.87 -46.34
N LEU C 262 -30.44 5.42 -45.34
CA LEU C 262 -29.89 4.07 -45.37
C LEU C 262 -31.04 3.07 -45.33
N LEU C 263 -31.96 3.27 -44.40
CA LEU C 263 -33.08 2.33 -44.18
C LEU C 263 -34.00 2.26 -45.39
N TYR C 264 -33.90 3.24 -46.27
CA TYR C 264 -34.66 3.26 -47.51
C TYR C 264 -33.86 2.61 -48.66
N PHE C 265 -32.69 3.19 -48.93
CA PHE C 265 -31.80 2.81 -50.04
C PHE C 265 -31.26 1.38 -49.96
N VAL C 266 -30.98 0.88 -48.76
CA VAL C 266 -30.52 -0.49 -48.53
C VAL C 266 -31.58 -1.58 -48.79
N ASN C 267 -32.84 -1.27 -48.51
CA ASN C 267 -33.93 -2.19 -48.78
C ASN C 267 -34.42 -2.16 -50.23
N GLN C 272 -27.60 1.16 -50.58
CA GLN C 272 -26.40 0.58 -49.98
C GLN C 272 -25.18 1.51 -50.15
N ALA C 273 -24.63 1.98 -49.04
CA ALA C 273 -23.33 2.65 -49.10
C ALA C 273 -22.42 2.29 -47.91
N GLY C 274 -22.75 2.56 -46.64
CA GLY C 274 -23.89 3.35 -46.15
C GLY C 274 -23.35 4.47 -45.26
N LEU C 275 -22.03 4.54 -45.23
CA LEU C 275 -21.39 5.64 -44.52
C LEU C 275 -21.67 6.97 -45.19
N PRO C 276 -21.61 7.08 -46.53
CA PRO C 276 -22.00 8.41 -47.02
C PRO C 276 -23.42 8.89 -46.65
N PRO C 277 -24.39 7.98 -46.49
CA PRO C 277 -25.65 8.50 -45.93
C PRO C 277 -25.51 8.90 -44.47
N LEU C 278 -24.93 8.03 -43.64
CA LEU C 278 -24.83 8.39 -42.22
C LEU C 278 -23.93 9.58 -41.92
N ASN C 279 -22.70 9.50 -42.41
CA ASN C 279 -21.71 10.56 -42.34
C ASN C 279 -22.12 11.80 -43.08
N GLY C 280 -22.34 11.67 -44.40
CA GLY C 280 -22.72 12.82 -45.20
C GLY C 280 -23.98 13.48 -44.67
N GLY C 281 -24.83 12.69 -44.01
CA GLY C 281 -26.09 13.18 -43.50
C GLY C 281 -25.97 13.80 -42.13
N ALA C 282 -25.15 13.22 -41.27
CA ALA C 282 -24.86 13.79 -39.96
C ALA C 282 -24.10 15.08 -40.10
N ILE C 283 -23.16 15.10 -41.03
CA ILE C 283 -22.47 16.30 -41.46
C ILE C 283 -23.46 17.35 -41.98
N LEU C 284 -24.35 16.92 -42.87
CA LEU C 284 -25.37 17.82 -43.40
C LEU C 284 -26.21 18.42 -42.27
N GLY C 285 -26.58 17.59 -41.31
CA GLY C 285 -27.36 18.01 -40.17
C GLY C 285 -26.54 18.90 -39.26
N PHE C 286 -25.25 18.60 -39.19
CA PHE C 286 -24.29 19.35 -38.41
C PHE C 286 -24.27 20.79 -38.90
N LEU C 287 -24.15 20.99 -40.20
CA LEU C 287 -24.22 22.34 -40.74
C LEU C 287 -25.64 22.92 -40.68
N VAL C 288 -26.66 22.05 -40.65
CA VAL C 288 -28.05 22.52 -40.47
C VAL C 288 -28.29 23.06 -39.06
N GLY C 289 -27.59 22.54 -38.07
CA GLY C 289 -27.70 23.05 -36.71
C GLY C 289 -26.72 24.18 -36.40
N ALA C 290 -25.76 24.40 -37.30
CA ALA C 290 -24.75 25.44 -37.09
C ALA C 290 -24.81 26.69 -37.99
N ALA C 291 -25.06 26.50 -39.28
CA ALA C 291 -25.05 27.61 -40.24
C ALA C 291 -26.07 28.74 -40.01
N LEU C 292 -26.80 28.67 -38.91
CA LEU C 292 -27.72 29.74 -38.53
C LEU C 292 -27.00 30.63 -37.50
N ALA C 293 -26.07 30.02 -36.77
CA ALA C 293 -25.32 30.71 -35.73
C ALA C 293 -23.97 30.02 -35.50
N TRP D 6 3.62 1.20 -86.98
CA TRP D 6 2.53 2.17 -86.93
C TRP D 6 3.07 3.58 -86.77
N LEU D 7 2.22 4.47 -86.27
CA LEU D 7 2.62 5.85 -86.04
C LEU D 7 1.99 6.47 -84.77
N PRO D 8 0.67 6.32 -84.56
CA PRO D 8 0.14 6.90 -83.30
C PRO D 8 0.41 6.07 -82.04
N LEU D 9 0.19 4.77 -82.14
CA LEU D 9 0.34 3.83 -81.02
C LEU D 9 1.74 3.55 -80.49
N LEU D 10 2.75 4.25 -81.01
CA LEU D 10 4.10 4.13 -80.44
C LEU D 10 4.44 5.27 -79.45
N GLY D 11 4.18 4.99 -78.19
CA GLY D 11 4.24 5.98 -77.14
C GLY D 11 4.78 5.57 -75.78
N MET D 12 5.16 4.31 -75.58
CA MET D 12 5.72 3.99 -74.27
C MET D 12 7.00 4.83 -74.05
N PRO D 13 7.75 5.13 -75.13
CA PRO D 13 8.77 6.16 -74.92
C PRO D 13 8.19 7.52 -74.49
N LEU D 14 6.98 7.86 -74.93
CA LEU D 14 6.30 9.06 -74.43
C LEU D 14 6.24 8.93 -72.91
N MET D 15 5.79 7.78 -72.42
CA MET D 15 5.70 7.56 -70.96
C MET D 15 7.08 7.75 -70.28
N LEU D 16 8.14 7.31 -70.97
CA LEU D 16 9.50 7.48 -70.46
C LEU D 16 9.80 8.96 -70.24
N LEU D 17 9.86 9.67 -71.37
CA LEU D 17 10.17 11.09 -71.40
C LEU D 17 9.36 11.89 -70.37
N PHE D 18 8.06 11.63 -70.36
CA PHE D 18 7.16 12.30 -69.43
C PHE D 18 7.58 12.04 -67.98
N VAL D 19 7.86 10.79 -67.62
CA VAL D 19 8.35 10.52 -66.26
C VAL D 19 9.57 11.37 -65.96
N GLN D 20 10.46 11.50 -66.95
CA GLN D 20 11.66 12.33 -66.78
C GLN D 20 11.33 13.81 -66.49
N ILE D 21 10.49 14.39 -67.35
CA ILE D 21 10.07 15.76 -67.20
C ILE D 21 9.45 15.97 -65.84
N ILE D 22 8.38 15.24 -65.54
CA ILE D 22 7.70 15.41 -64.27
C ILE D 22 8.63 15.08 -63.09
N ALA D 23 9.71 14.35 -63.34
CA ALA D 23 10.73 14.19 -62.30
C ALA D 23 11.47 15.51 -62.11
N ILE D 24 11.69 16.23 -63.21
CA ILE D 24 12.35 17.56 -63.17
C ILE D 24 11.46 18.61 -62.52
N VAL D 25 10.24 18.73 -63.01
CA VAL D 25 9.30 19.69 -62.44
C VAL D 25 9.11 19.39 -60.96
N LEU D 26 9.24 18.13 -60.57
CA LEU D 26 9.26 17.76 -59.15
C LEU D 26 10.65 17.90 -58.49
N VAL D 27 11.70 18.04 -59.31
CA VAL D 27 13.08 18.15 -58.79
C VAL D 27 13.15 19.30 -57.81
N MET D 28 12.62 20.43 -58.25
CA MET D 28 12.59 21.63 -57.46
C MET D 28 11.74 21.47 -56.18
N PRO D 29 10.40 21.43 -56.31
CA PRO D 29 9.53 21.54 -55.14
C PRO D 29 9.66 20.43 -54.13
N MET D 30 10.15 19.27 -54.56
CA MET D 30 10.24 18.11 -53.69
C MET D 30 11.32 18.35 -52.64
N GLN D 31 12.06 19.44 -52.82
CA GLN D 31 13.07 19.85 -51.86
C GLN D 31 12.47 20.74 -50.77
N ALA D 32 11.43 21.49 -51.13
CA ALA D 32 10.68 22.28 -50.14
C ALA D 32 9.94 21.42 -49.12
N PRO D 41 24.65 12.03 -48.40
CA PRO D 41 26.03 12.51 -48.52
C PRO D 41 26.71 11.89 -49.72
N SER D 42 25.91 11.39 -50.64
CA SER D 42 26.41 10.83 -51.88
C SER D 42 27.42 9.70 -51.63
N SER D 43 27.16 8.89 -50.60
CA SER D 43 28.00 7.72 -50.30
C SER D 43 27.47 6.48 -50.96
N VAL D 44 28.38 5.64 -51.45
CA VAL D 44 28.01 4.43 -52.19
C VAL D 44 27.44 3.31 -51.33
N ALA D 45 27.43 3.47 -50.01
CA ALA D 45 26.77 2.47 -49.18
C ALA D 45 25.27 2.68 -49.26
N ASN D 46 24.87 3.91 -49.60
CA ASN D 46 23.47 4.27 -49.76
C ASN D 46 22.67 3.45 -50.80
N PRO D 47 23.21 3.24 -52.03
CA PRO D 47 22.53 2.31 -52.95
C PRO D 47 22.27 0.89 -52.37
N LEU D 48 23.25 0.38 -51.63
CA LEU D 48 23.15 -0.92 -50.98
C LEU D 48 22.07 -0.94 -49.89
N ILE D 49 22.14 0.04 -49.00
CA ILE D 49 21.15 0.22 -47.96
C ILE D 49 19.74 0.32 -48.57
N PHE D 50 19.69 1.00 -49.70
CA PHE D 50 18.48 1.16 -50.49
C PHE D 50 17.92 -0.18 -50.95
N ILE D 51 18.71 -0.94 -51.70
CA ILE D 51 18.28 -2.25 -52.20
C ILE D 51 17.78 -3.15 -51.10
N GLY D 52 18.61 -3.35 -50.07
CA GLY D 52 18.22 -4.15 -48.93
C GLY D 52 16.89 -3.72 -48.38
N MET D 53 16.68 -2.42 -48.27
CA MET D 53 15.38 -1.95 -47.82
C MET D 53 14.24 -2.33 -48.76
N LEU D 54 14.46 -2.30 -50.07
CA LEU D 54 13.39 -2.67 -50.98
C LEU D 54 13.06 -4.12 -50.69
N LEU D 55 14.10 -4.91 -50.52
CA LEU D 55 13.93 -6.33 -50.24
C LEU D 55 13.13 -6.56 -48.95
N ALA D 56 13.46 -5.82 -47.89
CA ALA D 56 12.74 -5.96 -46.62
C ALA D 56 11.30 -5.43 -46.66
N PHE D 57 11.06 -4.37 -47.43
CA PHE D 57 9.71 -3.86 -47.61
C PHE D 57 8.89 -4.91 -48.36
N THR D 58 9.41 -5.49 -49.44
CA THR D 58 8.63 -6.52 -50.10
C THR D 58 8.40 -7.68 -49.14
N LEU D 59 9.47 -8.13 -48.49
CA LEU D 59 9.40 -9.23 -47.53
C LEU D 59 8.34 -9.10 -46.45
N VAL D 60 8.33 -7.96 -45.77
CA VAL D 60 7.36 -7.70 -44.70
C VAL D 60 5.98 -7.57 -45.30
N LEU D 61 5.87 -6.82 -46.38
CA LEU D 61 4.59 -6.62 -47.02
C LEU D 61 3.97 -7.97 -47.41
N LEU D 62 4.83 -8.95 -47.73
CA LEU D 62 4.35 -10.27 -48.06
C LEU D 62 3.81 -10.99 -46.83
N VAL D 63 4.50 -10.89 -45.70
CA VAL D 63 3.98 -11.51 -44.49
C VAL D 63 2.65 -10.86 -44.16
N LEU D 64 2.58 -9.58 -44.48
CA LEU D 64 1.35 -8.82 -44.35
C LEU D 64 0.34 -9.39 -45.32
N LEU D 65 0.82 -9.99 -46.41
CA LEU D 65 -0.12 -10.71 -47.27
C LEU D 65 -0.62 -12.05 -46.67
N ARG D 66 0.25 -12.97 -46.28
CA ARG D 66 -0.27 -14.23 -45.73
C ARG D 66 -1.05 -14.06 -44.43
N THR D 67 -0.82 -12.96 -43.71
CA THR D 67 -1.55 -12.67 -42.48
C THR D 67 -2.72 -11.72 -42.73
N GLY D 68 -2.91 -11.35 -43.99
CA GLY D 68 -4.02 -10.53 -44.43
C GLY D 68 -4.38 -10.98 -45.83
N GLY D 69 -4.07 -12.26 -46.10
CA GLY D 69 -4.44 -12.99 -47.32
C GLY D 69 -5.90 -12.90 -47.68
N ARG D 70 -6.34 -11.65 -47.77
CA ARG D 70 -7.73 -11.27 -48.01
C ARG D 70 -7.73 -9.77 -48.35
N ARG D 71 -8.76 -9.07 -47.89
CA ARG D 71 -8.92 -7.67 -48.24
C ARG D 71 -8.21 -6.65 -47.31
N PHE D 72 -7.56 -7.17 -46.26
CA PHE D 72 -6.75 -6.33 -45.38
C PHE D 72 -5.64 -5.59 -46.10
N ILE D 73 -4.93 -6.30 -46.98
CA ILE D 73 -3.73 -5.77 -47.60
C ILE D 73 -4.20 -4.91 -48.76
N ALA D 74 -5.40 -5.22 -49.23
CA ALA D 74 -6.03 -4.43 -50.28
C ALA D 74 -6.18 -3.00 -49.80
N ALA D 75 -6.60 -2.86 -48.54
CA ALA D 75 -6.70 -1.55 -47.90
C ALA D 75 -5.34 -0.97 -47.49
N PHE D 76 -4.56 -1.74 -46.73
CA PHE D 76 -3.20 -1.37 -46.32
C PHE D 76 -2.44 -0.70 -47.44
N ILE D 77 -2.52 -1.28 -48.63
CA ILE D 77 -1.91 -0.63 -49.77
C ILE D 77 -2.66 0.63 -50.22
N GLY D 78 -3.99 0.58 -50.25
CA GLY D 78 -4.79 1.68 -50.79
C GLY D 78 -4.63 3.03 -50.10
N PHE D 79 -4.58 3.00 -48.78
CA PHE D 79 -4.40 4.23 -48.03
C PHE D 79 -2.99 4.72 -48.27
N ALA D 80 -2.00 3.84 -48.20
CA ALA D 80 -0.62 4.19 -48.57
C ALA D 80 -0.58 4.92 -49.92
N LEU D 81 -1.36 4.44 -50.86
CA LEU D 81 -1.52 5.06 -52.17
C LEU D 81 -2.00 6.51 -51.97
N PHE D 82 -3.05 6.65 -51.16
CA PHE D 82 -3.57 7.99 -50.83
C PHE D 82 -2.53 8.93 -50.22
N MET D 83 -1.75 8.40 -49.29
CA MET D 83 -0.73 9.13 -48.57
C MET D 83 0.36 9.64 -49.53
N THR D 84 0.91 8.74 -50.34
CA THR D 84 1.93 9.18 -51.29
C THR D 84 1.34 10.19 -52.28
N PHE D 85 0.05 10.04 -52.57
CA PHE D 85 -0.62 11.04 -53.41
C PHE D 85 -0.70 12.39 -52.74
N LEU D 86 -0.89 12.35 -51.43
CA LEU D 86 -0.83 13.56 -50.62
C LEU D 86 0.53 14.16 -50.86
N TYR D 87 1.58 13.36 -50.86
CA TYR D 87 2.92 13.90 -51.13
C TYR D 87 3.08 14.57 -52.50
N ILE D 88 2.51 13.96 -53.53
CA ILE D 88 2.59 14.56 -54.85
C ILE D 88 1.95 15.95 -54.87
N PHE D 89 0.68 15.96 -54.48
CA PHE D 89 -0.11 17.19 -54.51
C PHE D 89 0.47 18.25 -53.58
N GLY D 90 0.74 17.82 -52.35
CA GLY D 90 1.52 18.52 -51.35
C GLY D 90 2.61 19.31 -52.03
N ALA D 91 3.44 18.63 -52.81
CA ALA D 91 4.52 19.31 -53.50
C ALA D 91 4.01 20.42 -54.43
N LEU D 92 2.99 20.12 -55.23
CA LEU D 92 2.49 21.18 -56.13
C LEU D 92 1.79 22.38 -55.47
N SER D 93 1.36 22.24 -54.23
CA SER D 93 0.61 23.32 -53.57
C SER D 93 1.51 24.11 -52.63
N LEU D 94 2.45 23.40 -52.00
CA LEU D 94 3.44 24.01 -51.12
C LEU D 94 4.25 24.89 -52.04
N LEU D 95 4.29 24.47 -53.30
CA LEU D 95 4.76 25.37 -54.34
C LEU D 95 3.73 26.48 -54.46
N ALA D 96 2.63 26.14 -55.15
CA ALA D 96 1.54 27.06 -55.52
C ALA D 96 1.36 28.29 -54.62
N LEU D 97 0.72 28.14 -53.46
CA LEU D 97 0.46 29.33 -52.65
C LEU D 97 1.42 29.56 -51.48
N GLY D 98 2.37 28.65 -51.32
CA GLY D 98 2.97 28.40 -50.04
C GLY D 98 1.88 27.81 -49.16
N PRO D 99 2.19 27.54 -47.89
CA PRO D 99 1.15 26.84 -47.14
C PRO D 99 0.59 27.55 -45.90
N THR D 100 -0.74 27.69 -45.80
CA THR D 100 -1.66 27.31 -46.87
C THR D 100 -2.95 28.13 -46.77
N THR D 101 -3.57 28.37 -47.91
CA THR D 101 -4.90 28.96 -47.93
C THR D 101 -5.78 27.82 -48.39
N ALA D 102 -5.62 27.46 -49.65
CA ALA D 102 -6.33 26.34 -50.22
C ALA D 102 -5.28 25.39 -50.78
N ALA D 103 -4.06 25.49 -50.26
CA ALA D 103 -2.99 24.59 -50.69
C ALA D 103 -3.19 23.21 -50.08
N ALA D 104 -3.28 23.16 -48.75
CA ALA D 104 -3.49 21.90 -48.07
C ALA D 104 -4.77 21.29 -48.60
N ALA D 105 -5.82 22.11 -48.65
CA ALA D 105 -7.10 21.67 -49.21
C ALA D 105 -6.94 21.11 -50.62
N GLY D 106 -6.16 21.81 -51.43
CA GLY D 106 -5.88 21.37 -52.79
C GLY D 106 -5.31 19.97 -52.82
N THR D 107 -4.35 19.69 -51.95
CA THR D 107 -3.73 18.39 -51.98
C THR D 107 -4.55 17.29 -51.36
N LEU D 108 -5.29 17.60 -50.31
CA LEU D 108 -6.13 16.60 -49.69
C LEU D 108 -7.25 16.20 -50.64
N ILE D 109 -8.01 17.19 -51.10
CA ILE D 109 -9.09 16.92 -52.03
C ILE D 109 -8.53 16.24 -53.27
N GLY D 110 -7.38 16.71 -53.74
CA GLY D 110 -6.76 16.13 -54.90
C GLY D 110 -6.48 14.65 -54.70
N ALA D 111 -5.79 14.32 -53.62
CA ALA D 111 -5.35 12.96 -53.45
C ALA D 111 -6.52 12.01 -53.23
N VAL D 112 -7.54 12.48 -52.51
CA VAL D 112 -8.72 11.64 -52.34
C VAL D 112 -9.41 11.45 -53.69
N ALA D 113 -9.46 12.52 -54.48
CA ALA D 113 -10.11 12.47 -55.78
C ALA D 113 -9.46 11.42 -56.68
N VAL D 114 -8.13 11.52 -56.78
CA VAL D 114 -7.37 10.64 -57.65
C VAL D 114 -7.47 9.18 -57.21
N THR D 115 -7.32 8.92 -55.93
CA THR D 115 -7.40 7.55 -55.46
C THR D 115 -8.80 7.01 -55.75
N ALA D 116 -9.81 7.88 -55.59
CA ALA D 116 -11.17 7.49 -55.92
C ALA D 116 -11.33 7.09 -57.39
N LEU D 117 -10.79 7.89 -58.31
CA LEU D 117 -10.91 7.57 -59.73
C LEU D 117 -10.22 6.24 -59.99
N LEU D 118 -9.00 6.09 -59.47
CA LEU D 118 -8.23 4.85 -59.66
C LEU D 118 -9.07 3.64 -59.23
N TYR D 119 -9.84 3.78 -58.17
CA TYR D 119 -10.67 2.67 -57.75
C TYR D 119 -12.00 2.55 -58.47
N LEU D 120 -12.38 3.56 -59.24
CA LEU D 120 -13.64 3.49 -60.01
C LEU D 120 -13.40 2.77 -61.35
N TYR D 121 -12.49 1.80 -61.31
CA TYR D 121 -12.01 1.12 -62.50
C TYR D 121 -11.47 2.04 -63.56
N PRO D 122 -10.15 2.02 -63.67
CA PRO D 122 -9.27 2.94 -64.41
C PRO D 122 -9.31 2.81 -65.91
N GLU D 123 -9.87 3.86 -66.51
CA GLU D 123 -9.98 3.95 -67.94
C GLU D 123 -8.59 4.01 -68.57
N TRP D 124 -8.06 2.80 -68.80
CA TRP D 124 -6.80 2.53 -69.50
C TRP D 124 -5.71 3.60 -69.48
N TYR D 125 -5.98 4.64 -70.27
CA TYR D 125 -5.09 5.77 -70.41
C TYR D 125 -4.87 6.40 -69.05
N VAL D 126 -5.94 6.45 -68.27
CA VAL D 126 -5.86 6.99 -66.93
C VAL D 126 -4.76 6.27 -66.15
N ILE D 127 -4.82 4.95 -66.09
CA ILE D 127 -3.80 4.17 -65.37
C ILE D 127 -2.41 4.50 -65.88
N ASP D 128 -2.29 4.61 -67.20
CA ASP D 128 -0.97 4.90 -67.72
C ASP D 128 -0.49 6.20 -67.12
N ILE D 129 -1.29 7.26 -67.26
CA ILE D 129 -0.90 8.58 -66.75
C ILE D 129 -0.66 8.69 -65.22
N LEU D 130 -1.56 8.16 -64.41
CA LEU D 130 -1.39 8.20 -62.95
C LEU D 130 -0.08 7.49 -62.62
N GLY D 131 0.14 6.37 -63.29
CA GLY D 131 1.39 5.65 -63.13
C GLY D 131 2.55 6.56 -63.48
N VAL D 132 2.40 7.35 -64.54
CA VAL D 132 3.47 8.21 -65.00
C VAL D 132 3.78 9.26 -63.92
N LEU D 133 2.73 9.80 -63.32
CA LEU D 133 2.89 10.76 -62.24
C LEU D 133 3.69 10.10 -61.15
N ILE D 134 3.07 9.12 -60.51
CA ILE D 134 3.69 8.34 -59.43
C ILE D 134 5.16 8.06 -59.70
N SER D 135 5.43 7.46 -60.85
CA SER D 135 6.77 7.09 -61.22
C SER D 135 7.66 8.33 -61.25
N ALA D 136 7.20 9.39 -61.88
CA ALA D 136 7.93 10.65 -61.88
C ALA D 136 8.17 11.19 -60.45
N GLY D 137 7.21 10.93 -59.57
CA GLY D 137 7.29 11.28 -58.18
C GLY D 137 8.50 10.60 -57.60
N VAL D 138 8.53 9.26 -57.68
CA VAL D 138 9.64 8.50 -57.13
C VAL D 138 10.95 8.92 -57.79
N ALA D 139 10.87 9.14 -59.09
CA ALA D 139 12.01 9.55 -59.89
C ALA D 139 12.63 10.77 -59.26
N SER D 140 11.76 11.73 -58.99
CA SER D 140 12.14 12.95 -58.29
C SER D 140 12.70 12.70 -56.89
N ILE D 141 11.98 11.97 -56.05
CA ILE D 141 12.47 11.81 -54.68
C ILE D 141 13.86 11.23 -54.64
N PHE D 142 14.11 10.09 -55.30
CA PHE D 142 15.45 9.52 -55.16
C PHE D 142 16.52 10.32 -55.92
N GLY D 143 16.12 10.88 -57.07
CA GLY D 143 17.04 11.67 -57.89
C GLY D 143 17.53 12.84 -57.07
N ILE D 144 16.62 13.37 -56.29
CA ILE D 144 16.94 14.40 -55.34
C ILE D 144 17.70 13.81 -54.15
N SER D 145 17.38 12.60 -53.73
CA SER D 145 18.02 12.06 -52.52
C SER D 145 19.51 11.88 -52.70
N LEU D 146 19.97 11.07 -53.66
CA LEU D 146 21.43 11.07 -53.83
C LEU D 146 21.94 10.88 -55.25
N GLU D 147 23.28 10.86 -55.39
CA GLU D 147 23.99 11.34 -56.58
C GLU D 147 24.83 10.30 -57.39
N PRO D 148 25.35 10.69 -58.59
CA PRO D 148 26.01 9.79 -59.55
C PRO D 148 26.89 8.64 -59.04
N LEU D 149 28.20 8.74 -58.91
CA LEU D 149 29.03 7.55 -58.65
C LEU D 149 28.33 6.39 -57.86
N PRO D 150 27.64 6.70 -56.74
CA PRO D 150 26.72 5.71 -56.16
C PRO D 150 25.56 5.29 -57.07
N VAL D 151 24.89 6.26 -57.66
CA VAL D 151 23.77 5.97 -58.56
C VAL D 151 24.21 5.05 -59.65
N LEU D 152 25.37 5.33 -60.22
CA LEU D 152 25.94 4.50 -61.25
C LEU D 152 26.14 3.09 -60.71
N VAL D 153 26.65 2.96 -59.49
CA VAL D 153 26.77 1.61 -58.93
C VAL D 153 25.38 0.96 -58.83
N LEU D 154 24.37 1.71 -58.40
CA LEU D 154 23.03 1.17 -58.30
C LEU D 154 22.53 0.64 -59.63
N LEU D 155 22.58 1.49 -60.65
CA LEU D 155 22.14 1.08 -61.98
C LEU D 155 22.80 -0.24 -62.36
N VAL D 156 24.13 -0.27 -62.33
CA VAL D 156 24.83 -1.47 -62.77
C VAL D 156 24.52 -2.74 -61.94
N LEU D 157 24.40 -2.57 -60.63
CA LEU D 157 24.08 -3.67 -59.73
C LEU D 157 22.74 -4.29 -60.07
N LEU D 158 21.75 -3.40 -60.13
CA LEU D 158 20.38 -3.75 -60.42
C LEU D 158 20.27 -4.43 -61.79
N ALA D 159 20.96 -3.83 -62.78
CA ALA D 159 20.97 -4.34 -64.14
C ALA D 159 21.51 -5.75 -64.15
N VAL D 160 22.65 -5.98 -63.50
CA VAL D 160 23.21 -7.31 -63.46
C VAL D 160 22.32 -8.38 -62.76
N TYR D 161 21.67 -8.00 -61.66
CA TYR D 161 20.67 -8.92 -61.12
C TYR D 161 19.70 -9.30 -62.20
N ASP D 162 19.14 -8.30 -62.88
CA ASP D 162 18.11 -8.57 -63.87
C ASP D 162 18.60 -9.56 -64.92
N ALA D 163 19.74 -9.26 -65.55
CA ALA D 163 20.28 -10.14 -66.57
C ALA D 163 20.43 -11.56 -66.05
N ILE D 164 20.92 -11.70 -64.83
CA ILE D 164 21.07 -13.04 -64.26
C ILE D 164 19.69 -13.66 -64.05
N SER D 165 18.71 -12.84 -63.72
CA SER D 165 17.39 -13.34 -63.41
C SER D 165 16.76 -13.95 -64.67
N VAL D 166 16.93 -13.26 -65.80
CA VAL D 166 16.46 -13.82 -67.06
C VAL D 166 17.23 -15.06 -67.44
N TYR D 167 18.55 -15.07 -67.32
CA TYR D 167 19.28 -16.28 -67.67
C TYR D 167 18.78 -17.49 -66.84
N ARG D 168 18.56 -17.26 -65.54
CA ARG D 168 18.02 -18.30 -64.63
C ARG D 168 16.72 -18.84 -65.20
N THR D 169 15.82 -17.92 -65.53
CA THR D 169 14.49 -18.31 -66.00
C THR D 169 14.44 -18.92 -67.40
N LYS D 170 15.31 -18.45 -68.28
CA LYS D 170 15.30 -18.96 -69.63
C LYS D 170 15.86 -20.37 -69.65
N HIS D 171 16.99 -20.51 -68.98
CA HIS D 171 17.62 -21.80 -68.79
C HIS D 171 16.60 -22.75 -68.21
N MET D 172 15.66 -22.20 -67.47
CA MET D 172 14.60 -23.00 -66.89
C MET D 172 13.48 -23.33 -67.89
N ILE D 173 13.36 -22.59 -68.98
CA ILE D 173 12.41 -23.07 -70.00
C ILE D 173 13.09 -24.20 -70.76
N THR D 174 14.31 -23.94 -71.23
CA THR D 174 15.01 -24.91 -72.06
C THR D 174 15.26 -26.20 -71.28
N LEU D 175 15.25 -26.14 -69.96
CA LEU D 175 15.35 -27.37 -69.20
C LEU D 175 14.02 -27.97 -68.87
N ALA D 176 12.98 -27.47 -69.52
CA ALA D 176 11.67 -27.99 -69.20
C ALA D 176 11.47 -29.28 -69.99
N GLU D 177 12.08 -29.33 -71.17
CA GLU D 177 12.02 -30.51 -72.04
C GLU D 177 13.39 -30.96 -72.49
N GLY D 178 14.19 -29.96 -72.89
CA GLY D 178 15.50 -30.09 -73.52
C GLY D 178 16.53 -30.96 -72.84
N VAL D 179 17.64 -30.38 -72.41
CA VAL D 179 18.56 -31.16 -71.61
C VAL D 179 17.96 -31.25 -70.23
N GLY D 212 -0.81 -6.33 -63.47
CA GLY D 212 -0.10 -6.26 -62.20
C GLY D 212 1.39 -6.11 -62.45
N ALA D 213 1.76 -6.42 -63.69
CA ALA D 213 3.13 -6.36 -64.18
C ALA D 213 3.67 -4.92 -64.23
N PHE D 214 2.77 -3.98 -64.49
CA PHE D 214 3.15 -2.58 -64.71
C PHE D 214 3.83 -2.02 -63.48
N VAL D 215 3.59 -2.61 -62.31
CA VAL D 215 4.39 -2.27 -61.14
C VAL D 215 5.89 -2.38 -61.42
N MET D 216 6.31 -3.54 -61.91
CA MET D 216 7.71 -3.72 -62.29
C MET D 216 8.03 -2.86 -63.51
N GLY D 217 7.07 -2.72 -64.41
CA GLY D 217 7.30 -1.97 -65.64
C GLY D 217 7.65 -0.52 -65.32
N MET D 218 6.69 0.19 -64.77
CA MET D 218 6.89 1.52 -64.25
C MET D 218 8.13 1.58 -63.34
N GLY D 219 8.39 0.51 -62.57
CA GLY D 219 9.62 0.45 -61.80
C GLY D 219 10.90 0.59 -62.62
N ASP D 220 10.94 -0.04 -63.76
CA ASP D 220 12.17 0.05 -64.52
C ASP D 220 12.13 1.38 -65.27
N LEU D 221 10.93 1.90 -65.46
CA LEU D 221 10.75 3.25 -65.96
C LEU D 221 11.42 4.26 -65.02
N ILE D 222 11.32 3.98 -63.73
CA ILE D 222 11.94 4.78 -62.69
C ILE D 222 13.46 4.71 -62.78
N MET D 223 13.98 3.49 -62.93
CA MET D 223 15.42 3.23 -62.77
C MET D 223 16.38 4.21 -63.45
N PRO D 224 16.20 4.48 -64.76
CA PRO D 224 17.17 5.42 -65.32
C PRO D 224 16.86 6.89 -65.02
N SER D 225 15.58 7.26 -65.02
CA SER D 225 15.21 8.67 -64.91
C SER D 225 15.68 9.30 -63.61
N ILE D 226 15.66 8.51 -62.54
CA ILE D 226 16.14 9.00 -61.27
C ILE D 226 17.61 9.31 -61.39
N LEU D 227 18.29 8.42 -62.09
CA LEU D 227 19.72 8.49 -62.21
C LEU D 227 20.15 9.36 -63.39
N VAL D 228 19.14 10.01 -63.97
CA VAL D 228 19.29 11.03 -64.99
C VAL D 228 19.11 12.36 -64.27
N VAL D 229 18.05 12.40 -63.46
CA VAL D 229 17.80 13.52 -62.54
C VAL D 229 18.91 13.71 -61.54
N SER D 230 19.23 12.66 -60.80
CA SER D 230 20.27 12.79 -59.80
C SER D 230 21.68 13.15 -60.31
N SER D 231 21.83 13.33 -61.61
CA SER D 231 23.11 13.69 -62.23
C SER D 231 23.02 15.09 -62.78
N HIS D 232 21.79 15.53 -63.02
CA HIS D 232 21.55 16.90 -63.39
C HIS D 232 21.96 17.80 -62.23
N VAL D 233 21.72 17.31 -61.02
CA VAL D 233 22.29 17.93 -59.82
C VAL D 233 23.79 17.64 -59.71
N PHE D 234 24.60 18.07 -60.68
CA PHE D 234 26.05 17.88 -60.55
C PHE D 234 26.92 18.85 -61.38
N VAL D 235 27.42 18.39 -62.54
CA VAL D 235 28.33 19.21 -63.37
C VAL D 235 27.65 20.48 -63.93
N SER D 245 18.69 22.05 -69.51
CA SER D 245 19.90 21.69 -70.25
C SER D 245 20.97 21.09 -69.32
N ALA D 246 21.88 20.32 -69.91
CA ALA D 246 22.98 19.60 -69.24
C ALA D 246 23.64 18.56 -70.19
N PRO D 247 24.69 17.85 -69.70
CA PRO D 247 25.16 16.65 -70.42
C PRO D 247 24.16 15.51 -70.17
N THR D 248 23.26 15.79 -69.24
CA THR D 248 22.12 14.95 -68.89
C THR D 248 21.33 14.48 -70.13
N LEU D 249 21.47 15.25 -71.20
CA LEU D 249 21.02 14.86 -72.53
C LEU D 249 21.34 13.38 -72.77
N GLY D 250 22.62 13.06 -72.66
CA GLY D 250 23.13 11.73 -72.86
C GLY D 250 22.40 10.65 -72.09
N ALA D 251 22.18 10.90 -70.81
CA ALA D 251 21.44 9.97 -69.97
C ALA D 251 20.02 9.71 -70.48
N MET D 252 19.35 10.78 -70.89
CA MET D 252 17.97 10.66 -71.39
C MET D 252 17.93 9.93 -72.73
N VAL D 253 18.91 10.25 -73.57
CA VAL D 253 19.08 9.60 -74.86
C VAL D 253 19.34 8.12 -74.65
N GLY D 254 20.21 7.81 -73.69
CA GLY D 254 20.57 6.45 -73.37
C GLY D 254 19.35 5.69 -72.90
N SER D 255 18.45 6.40 -72.24
CA SER D 255 17.22 5.74 -71.86
C SER D 255 16.42 5.47 -73.12
N LEU D 256 16.46 6.38 -74.08
CA LEU D 256 15.69 6.12 -75.31
C LEU D 256 16.25 5.02 -76.23
N VAL D 257 17.57 4.96 -76.35
CA VAL D 257 18.22 3.95 -77.19
C VAL D 257 18.12 2.61 -76.49
N GLY D 258 18.11 2.66 -75.16
CA GLY D 258 17.88 1.47 -74.39
C GLY D 258 16.51 0.96 -74.80
N LEU D 259 15.54 1.86 -74.81
CA LEU D 259 14.19 1.48 -75.20
C LEU D 259 14.23 0.90 -76.60
N ALA D 260 15.14 1.40 -77.42
CA ALA D 260 15.28 0.82 -78.73
C ALA D 260 15.70 -0.64 -78.67
N VAL D 261 16.82 -0.94 -78.02
CA VAL D 261 17.30 -2.34 -78.01
C VAL D 261 16.23 -3.23 -77.41
N LEU D 262 15.58 -2.73 -76.38
CA LEU D 262 14.51 -3.46 -75.72
C LEU D 262 13.37 -3.82 -76.64
N LEU D 263 12.81 -2.80 -77.29
CA LEU D 263 11.64 -2.99 -78.14
C LEU D 263 12.02 -3.73 -79.44
N TYR D 264 13.31 -3.85 -79.70
CA TYR D 264 13.83 -4.65 -80.82
C TYR D 264 13.87 -6.13 -80.49
N PHE D 265 14.70 -6.48 -79.51
CA PHE D 265 14.92 -7.88 -79.13
C PHE D 265 13.63 -8.54 -78.60
N VAL D 266 12.78 -7.73 -77.97
CA VAL D 266 11.47 -8.24 -77.56
C VAL D 266 10.67 -8.69 -78.78
N ASN D 267 10.80 -7.98 -79.89
CA ASN D 267 10.06 -8.39 -81.08
C ASN D 267 10.64 -9.53 -81.93
N LYS D 268 11.04 -10.62 -81.27
CA LYS D 268 11.35 -11.89 -81.91
C LYS D 268 11.71 -12.88 -80.83
N GLY D 269 12.19 -12.37 -79.71
CA GLY D 269 12.61 -13.24 -78.63
C GLY D 269 12.31 -12.88 -77.19
N ASN D 270 13.14 -13.46 -76.35
CA ASN D 270 13.10 -13.39 -74.90
C ASN D 270 13.47 -12.13 -74.11
N PRO D 271 14.60 -11.46 -74.45
CA PRO D 271 15.41 -10.60 -73.56
C PRO D 271 14.68 -9.41 -72.92
N GLN D 272 15.20 -8.88 -71.80
CA GLN D 272 16.49 -9.25 -71.22
C GLN D 272 16.73 -9.30 -69.70
N ALA D 273 15.75 -9.10 -68.81
CA ALA D 273 14.40 -8.54 -69.00
C ALA D 273 13.95 -8.01 -67.65
N GLY D 274 13.66 -6.72 -67.59
CA GLY D 274 13.82 -5.83 -68.71
C GLY D 274 14.67 -4.66 -68.26
N LEU D 275 15.49 -4.17 -69.17
CA LEU D 275 16.26 -2.91 -69.05
C LEU D 275 17.78 -2.85 -68.75
N PRO D 276 18.48 -3.97 -68.56
CA PRO D 276 19.93 -3.71 -68.52
C PRO D 276 20.55 -3.04 -69.76
N PRO D 277 19.97 -3.25 -70.96
CA PRO D 277 20.46 -2.35 -72.00
C PRO D 277 20.04 -0.93 -71.73
N LEU D 278 18.92 -0.75 -71.05
CA LEU D 278 18.42 0.58 -70.70
C LEU D 278 19.32 1.34 -69.70
N ASN D 279 19.66 0.69 -68.60
CA ASN D 279 20.57 1.17 -67.60
C ASN D 279 21.95 1.29 -68.16
N GLY D 280 22.56 0.17 -68.57
CA GLY D 280 23.91 0.21 -69.13
C GLY D 280 24.05 1.15 -70.33
N GLY D 281 22.93 1.38 -71.00
CA GLY D 281 22.90 2.22 -72.17
C GLY D 281 22.69 3.67 -71.81
N ALA D 282 21.91 3.92 -70.76
CA ALA D 282 21.76 5.26 -70.21
C ALA D 282 23.05 5.72 -69.54
N ILE D 283 23.71 4.79 -68.86
CA ILE D 283 25.06 4.94 -68.34
C ILE D 283 25.98 5.30 -69.48
N LEU D 284 25.91 4.52 -70.55
CA LEU D 284 26.68 4.76 -71.73
C LEU D 284 26.39 6.15 -72.27
N GLY D 285 25.13 6.54 -72.27
CA GLY D 285 24.71 7.81 -72.83
C GLY D 285 25.13 9.02 -72.02
N PHE D 286 24.92 8.94 -70.72
CA PHE D 286 25.31 9.97 -69.79
C PHE D 286 26.82 10.17 -69.79
N LEU D 287 27.54 9.05 -69.69
CA LEU D 287 28.99 9.07 -69.65
C LEU D 287 29.60 9.55 -70.95
N VAL D 288 28.95 9.24 -72.07
CA VAL D 288 29.41 9.79 -73.34
C VAL D 288 29.03 11.26 -73.46
N GLY D 289 27.90 11.67 -72.88
CA GLY D 289 27.47 13.05 -73.00
C GLY D 289 28.18 13.98 -72.03
N ALA D 290 28.88 13.38 -71.07
CA ALA D 290 29.72 14.11 -70.14
C ALA D 290 31.17 13.92 -70.55
N ALA D 291 31.39 13.93 -71.87
CA ALA D 291 32.69 13.61 -72.43
C ALA D 291 32.94 14.38 -73.72
#